data_3JQH
# 
_entry.id   3JQH 
# 
_audit_conform.dict_name       mmcif_pdbx.dic 
_audit_conform.dict_version    5.387 
_audit_conform.dict_location   http://mmcif.pdb.org/dictionaries/ascii/mmcif_pdbx.dic 
# 
loop_
_database_2.database_id 
_database_2.database_code 
_database_2.pdbx_database_accession 
_database_2.pdbx_DOI 
PDB   3JQH         pdb_00003jqh 10.2210/pdb3jqh/pdb 
RCSB  RCSB055030   ?            ?                   
WWPDB D_1000055030 ?            ?                   
# 
loop_
_pdbx_audit_revision_history.ordinal 
_pdbx_audit_revision_history.data_content_type 
_pdbx_audit_revision_history.major_revision 
_pdbx_audit_revision_history.minor_revision 
_pdbx_audit_revision_history.revision_date 
1 'Structure model' 1 0 2009-11-10 
2 'Structure model' 1 1 2011-07-13 
3 'Structure model' 1 2 2017-11-01 
4 'Structure model' 1 3 2019-07-24 
5 'Structure model' 1 4 2024-02-21 
# 
_pdbx_audit_revision_details.ordinal             1 
_pdbx_audit_revision_details.revision_ordinal    1 
_pdbx_audit_revision_details.data_content_type   'Structure model' 
_pdbx_audit_revision_details.provider            repository 
_pdbx_audit_revision_details.type                'Initial release' 
_pdbx_audit_revision_details.description         ? 
_pdbx_audit_revision_details.details             ? 
# 
loop_
_pdbx_audit_revision_group.ordinal 
_pdbx_audit_revision_group.revision_ordinal 
_pdbx_audit_revision_group.data_content_type 
_pdbx_audit_revision_group.group 
1 2 'Structure model' 'Version format compliance' 
2 3 'Structure model' 'Refinement description'    
3 4 'Structure model' 'Data collection'           
4 4 'Structure model' 'Refinement description'    
5 5 'Structure model' 'Data collection'           
6 5 'Structure model' 'Database references'       
# 
loop_
_pdbx_audit_revision_category.ordinal 
_pdbx_audit_revision_category.revision_ordinal 
_pdbx_audit_revision_category.data_content_type 
_pdbx_audit_revision_category.category 
1 3 'Structure model' software           
2 4 'Structure model' software           
3 5 'Structure model' chem_comp_atom     
4 5 'Structure model' chem_comp_bond     
5 5 'Structure model' database_2         
6 5 'Structure model' struct_ref_seq_dif 
# 
loop_
_pdbx_audit_revision_item.ordinal 
_pdbx_audit_revision_item.revision_ordinal 
_pdbx_audit_revision_item.data_content_type 
_pdbx_audit_revision_item.item 
1 3 'Structure model' '_software.name'                      
2 4 'Structure model' '_software.classification'            
3 4 'Structure model' '_software.name'                      
4 4 'Structure model' '_software.version'                   
5 5 'Structure model' '_database_2.pdbx_DOI'                
6 5 'Structure model' '_database_2.pdbx_database_accession' 
7 5 'Structure model' '_struct_ref_seq_dif.details'         
# 
_pdbx_database_status.status_code                     REL 
_pdbx_database_status.entry_id                        3JQH 
_pdbx_database_status.recvd_initial_deposition_date   2009-09-06 
_pdbx_database_status.deposit_site                    RCSB 
_pdbx_database_status.process_site                    RCSB 
_pdbx_database_status.status_code_sf                  REL 
_pdbx_database_status.status_code_mr                  ? 
_pdbx_database_status.SG_entry                        ? 
_pdbx_database_status.pdb_format_compatible           Y 
_pdbx_database_status.status_code_cs                  ? 
_pdbx_database_status.methods_development_category    ? 
_pdbx_database_status.status_code_nmr_data            ? 
# 
loop_
_audit_author.name 
_audit_author.pdbx_ordinal 
'Feinberg, H.'  1 
'Tso, C.K.W.'   2 
'Taylor, M.E.'  3 
'Drickamer, K.' 4 
'Weis, W.I.'    5 
# 
_citation.id                        primary 
_citation.title                     'Segmented helical structure of the neck region of the glycan-binding receptor DC-SIGNR.' 
_citation.journal_abbrev            J.Mol.Biol. 
_citation.journal_volume            394 
_citation.page_first                613 
_citation.page_last                 620 
_citation.year                      2009 
_citation.journal_id_ASTM           JMOBAK 
_citation.country                   UK 
_citation.journal_id_ISSN           0022-2836 
_citation.journal_id_CSD            0070 
_citation.book_publisher            ? 
_citation.pdbx_database_id_PubMed   19835887 
_citation.pdbx_database_id_DOI      10.1016/j.jmb.2009.10.006 
# 
loop_
_citation_author.citation_id 
_citation_author.name 
_citation_author.ordinal 
_citation_author.identifier_ORCID 
primary 'Feinberg, H.'  1 ? 
primary 'Tso, C.K.'     2 ? 
primary 'Taylor, M.E.'  3 ? 
primary 'Drickamer, K.' 4 ? 
primary 'Weis, W.I.'    5 ? 
# 
loop_
_entity.id 
_entity.type 
_entity.src_method 
_entity.pdbx_description 
_entity.formula_weight 
_entity.pdbx_number_of_molecules 
_entity.pdbx_ec 
_entity.pdbx_mutation 
_entity.pdbx_fragment 
_entity.details 
1 polymer man 'C-type lectin domain family 4 member M' 19138.871 1  ? ? 'UNP residues 101-264, neck domain' ? 
2 water   nat water                                    18.015    21 ? ? ?                                   ? 
# 
_entity_name_com.entity_id   1 
_entity_name_com.name        
;CD209 antigen-like protein 1, Dendritic cell-specific ICAM-3-grabbing non-integrin 2, DC-SIGN2, DC-SIGN-related protein, DC-SIGNR, Liver/lymph node-specific ICAM-3-grabbing non-integrin, L-SIGN
;
# 
_entity_poly.entity_id                      1 
_entity_poly.type                           'polypeptide(L)' 
_entity_poly.nstd_linkage                   no 
_entity_poly.nstd_monomer                   no 
_entity_poly.pdbx_seq_one_letter_code       
;GELPEKSKLQEIYQELTRLKAAVGELPEKSKLQEIYQELTRLKAAVGELPEKSKLQEIYQELTRLKAAVGELPEKSKLQE
IYQELTRLKAAVGELPEKSKLQEIYQELTELKAAVGELPEKSKLQEIYQELTQLKAAVGELPDQSKQQQIYQELTDLKTA
FERLGHH
;
_entity_poly.pdbx_seq_one_letter_code_can   
;GELPEKSKLQEIYQELTRLKAAVGELPEKSKLQEIYQELTRLKAAVGELPEKSKLQEIYQELTRLKAAVGELPEKSKLQE
IYQELTRLKAAVGELPEKSKLQEIYQELTELKAAVGELPEKSKLQEIYQELTQLKAAVGELPDQSKQQQIYQELTDLKTA
FERLGHH
;
_entity_poly.pdbx_strand_id                 A 
_entity_poly.pdbx_target_identifier         ? 
# 
_pdbx_entity_nonpoly.entity_id   2 
_pdbx_entity_nonpoly.name        water 
_pdbx_entity_nonpoly.comp_id     HOH 
# 
loop_
_entity_poly_seq.entity_id 
_entity_poly_seq.num 
_entity_poly_seq.mon_id 
_entity_poly_seq.hetero 
1 1   GLY n 
1 2   GLU n 
1 3   LEU n 
1 4   PRO y 
1 4   SER y 
1 5   GLU n 
1 6   LYS n 
1 7   SER n 
1 8   LYS n 
1 9   LEU n 
1 10  GLN n 
1 11  GLU n 
1 12  ILE n 
1 13  TYR n 
1 14  GLN n 
1 15  GLU n 
1 16  LEU n 
1 17  THR n 
1 18  ARG y 
1 18  GLN y 
1 18  GLU y 
1 19  LEU n 
1 20  LYS n 
1 21  ALA n 
1 22  ALA n 
1 23  VAL n 
1 24  GLY n 
1 25  GLU n 
1 26  LEU n 
1 27  PRO n 
1 28  GLU n 
1 29  LYS n 
1 30  SER n 
1 31  LYS n 
1 32  LEU n 
1 33  GLN n 
1 34  GLU n 
1 35  ILE n 
1 36  TYR n 
1 37  GLN n 
1 38  GLU n 
1 39  LEU n 
1 40  THR n 
1 41  ARG n 
1 42  LEU n 
1 43  LYS n 
1 44  ALA n 
1 45  ALA n 
1 46  VAL n 
1 47  GLY n 
1 48  GLU n 
1 49  LEU n 
1 50  PRO n 
1 51  GLU n 
1 52  LYS n 
1 53  SER n 
1 54  LYS n 
1 55  LEU n 
1 56  GLN n 
1 57  GLU n 
1 58  ILE n 
1 59  TYR n 
1 60  GLN n 
1 61  GLU n 
1 62  LEU n 
1 63  THR n 
1 64  ARG n 
1 65  LEU n 
1 66  LYS n 
1 67  ALA n 
1 68  ALA n 
1 69  VAL n 
1 70  GLY n 
1 71  GLU n 
1 72  LEU n 
1 73  PRO n 
1 74  GLU n 
1 75  LYS n 
1 76  SER n 
1 77  LYS n 
1 78  LEU n 
1 79  GLN n 
1 80  GLU n 
1 81  ILE n 
1 82  TYR n 
1 83  GLN n 
1 84  GLU n 
1 85  LEU n 
1 86  THR n 
1 87  ARG n 
1 88  LEU n 
1 89  LYS n 
1 90  ALA n 
1 91  ALA n 
1 92  VAL n 
1 93  GLY n 
1 94  GLU n 
1 95  LEU n 
1 96  PRO n 
1 97  GLU n 
1 98  LYS n 
1 99  SER n 
1 100 LYS n 
1 101 LEU n 
1 102 GLN n 
1 103 GLU n 
1 104 ILE n 
1 105 TYR n 
1 106 GLN n 
1 107 GLU n 
1 108 LEU n 
1 109 THR n 
1 110 GLU n 
1 111 LEU n 
1 112 LYS n 
1 113 ALA n 
1 114 ALA n 
1 115 VAL n 
1 116 GLY n 
1 117 GLU n 
1 118 LEU n 
1 119 PRO n 
1 120 GLU n 
1 121 LYS n 
1 122 SER n 
1 123 LYS n 
1 124 LEU n 
1 125 GLN n 
1 126 GLU n 
1 127 ILE n 
1 128 TYR n 
1 129 GLN n 
1 130 GLU n 
1 131 LEU n 
1 132 THR n 
1 133 GLN n 
1 134 LEU n 
1 135 LYS n 
1 136 ALA n 
1 137 ALA n 
1 138 VAL n 
1 139 GLY n 
1 140 GLU n 
1 141 LEU n 
1 142 PRO n 
1 143 ASP n 
1 144 GLN n 
1 145 SER n 
1 146 LYS n 
1 147 GLN n 
1 148 GLN n 
1 149 GLN n 
1 150 ILE n 
1 151 TYR n 
1 152 GLN n 
1 153 GLU n 
1 154 LEU n 
1 155 THR n 
1 156 ASP n 
1 157 LEU n 
1 158 LYS n 
1 159 THR n 
1 160 ALA n 
1 161 PHE n 
1 162 GLU n 
1 163 ARG n 
1 164 LEU n 
1 165 GLY n 
1 166 HIS n 
1 167 HIS n 
# 
_entity_src_gen.entity_id                          1 
_entity_src_gen.pdbx_src_id                        1 
_entity_src_gen.pdbx_alt_source_flag               sample 
_entity_src_gen.pdbx_seq_type                      ? 
_entity_src_gen.pdbx_beg_seq_num                   ? 
_entity_src_gen.pdbx_end_seq_num                   ? 
_entity_src_gen.gene_src_common_name               human 
_entity_src_gen.gene_src_genus                     ? 
_entity_src_gen.pdbx_gene_src_gene                 'CLEC4M, CD209L, CD209L1, CD299' 
_entity_src_gen.gene_src_species                   ? 
_entity_src_gen.gene_src_strain                    ? 
_entity_src_gen.gene_src_tissue                    ? 
_entity_src_gen.gene_src_tissue_fraction           ? 
_entity_src_gen.gene_src_details                   ? 
_entity_src_gen.pdbx_gene_src_fragment             ? 
_entity_src_gen.pdbx_gene_src_scientific_name      'Homo sapiens' 
_entity_src_gen.pdbx_gene_src_ncbi_taxonomy_id     9606 
_entity_src_gen.pdbx_gene_src_variant              ? 
_entity_src_gen.pdbx_gene_src_cell_line            ? 
_entity_src_gen.pdbx_gene_src_atcc                 ? 
_entity_src_gen.pdbx_gene_src_organ                ? 
_entity_src_gen.pdbx_gene_src_organelle            ? 
_entity_src_gen.pdbx_gene_src_cell                 ? 
_entity_src_gen.pdbx_gene_src_cellular_location    ? 
_entity_src_gen.host_org_common_name               ? 
_entity_src_gen.pdbx_host_org_scientific_name      'Escherichia coli' 
_entity_src_gen.pdbx_host_org_ncbi_taxonomy_id     562 
_entity_src_gen.host_org_genus                     ? 
_entity_src_gen.pdbx_host_org_gene                 ? 
_entity_src_gen.pdbx_host_org_organ                ? 
_entity_src_gen.host_org_species                   ? 
_entity_src_gen.pdbx_host_org_tissue               ? 
_entity_src_gen.pdbx_host_org_tissue_fraction      ? 
_entity_src_gen.pdbx_host_org_strain               BL21/DE3 
_entity_src_gen.pdbx_host_org_variant              ? 
_entity_src_gen.pdbx_host_org_cell_line            ? 
_entity_src_gen.pdbx_host_org_atcc                 ? 
_entity_src_gen.pdbx_host_org_culture_collection   ? 
_entity_src_gen.pdbx_host_org_cell                 ? 
_entity_src_gen.pdbx_host_org_organelle            ? 
_entity_src_gen.pdbx_host_org_cellular_location    ? 
_entity_src_gen.pdbx_host_org_vector_type          plasmid 
_entity_src_gen.pdbx_host_org_vector               ? 
_entity_src_gen.host_org_details                   ? 
_entity_src_gen.expression_system_id               ? 
_entity_src_gen.plasmid_name                       pT5T 
_entity_src_gen.plasmid_details                    ? 
_entity_src_gen.pdbx_description                   ? 
# 
loop_
_chem_comp.id 
_chem_comp.type 
_chem_comp.mon_nstd_flag 
_chem_comp.name 
_chem_comp.pdbx_synonyms 
_chem_comp.formula 
_chem_comp.formula_weight 
ALA 'L-peptide linking' y ALANINE         ? 'C3 H7 N O2'     89.093  
ARG 'L-peptide linking' y ARGININE        ? 'C6 H15 N4 O2 1' 175.209 
ASP 'L-peptide linking' y 'ASPARTIC ACID' ? 'C4 H7 N O4'     133.103 
GLN 'L-peptide linking' y GLUTAMINE       ? 'C5 H10 N2 O3'   146.144 
GLU 'L-peptide linking' y 'GLUTAMIC ACID' ? 'C5 H9 N O4'     147.129 
GLY 'peptide linking'   y GLYCINE         ? 'C2 H5 N O2'     75.067  
HIS 'L-peptide linking' y HISTIDINE       ? 'C6 H10 N3 O2 1' 156.162 
HOH non-polymer         . WATER           ? 'H2 O'           18.015  
ILE 'L-peptide linking' y ISOLEUCINE      ? 'C6 H13 N O2'    131.173 
LEU 'L-peptide linking' y LEUCINE         ? 'C6 H13 N O2'    131.173 
LYS 'L-peptide linking' y LYSINE          ? 'C6 H15 N2 O2 1' 147.195 
PHE 'L-peptide linking' y PHENYLALANINE   ? 'C9 H11 N O2'    165.189 
PRO 'L-peptide linking' y PROLINE         ? 'C5 H9 N O2'     115.130 
SER 'L-peptide linking' y SERINE          ? 'C3 H7 N O3'     105.093 
THR 'L-peptide linking' y THREONINE       ? 'C4 H9 N O3'     119.119 
TYR 'L-peptide linking' y TYROSINE        ? 'C9 H11 N O3'    181.189 
VAL 'L-peptide linking' y VALINE          ? 'C5 H11 N O2'    117.146 
# 
loop_
_pdbx_poly_seq_scheme.asym_id 
_pdbx_poly_seq_scheme.entity_id 
_pdbx_poly_seq_scheme.seq_id 
_pdbx_poly_seq_scheme.mon_id 
_pdbx_poly_seq_scheme.ndb_seq_num 
_pdbx_poly_seq_scheme.pdb_seq_num 
_pdbx_poly_seq_scheme.auth_seq_num 
_pdbx_poly_seq_scheme.pdb_mon_id 
_pdbx_poly_seq_scheme.auth_mon_id 
_pdbx_poly_seq_scheme.pdb_strand_id 
_pdbx_poly_seq_scheme.pdb_ins_code 
_pdbx_poly_seq_scheme.hetero 
A 1 1   GLY 1   -2  ?  ?   ?   A . n 
A 1 2   GLU 2   -1  ?  ?   ?   A . n 
A 1 3   LEU 3   0   ?  ?   ?   A . n 
A 1 4   PRO 4   1   1  PRO PRO A . y 
A 1 4   SER 4   1   1  SER SER A . y 
A 1 5   GLU 5   2   2  GLU GLU A . n 
A 1 6   LYS 6   3   3  LYS LYS A . n 
A 1 7   SER 7   4   4  SER SER A . n 
A 1 8   LYS 8   5   5  LYS LYS A . n 
A 1 9   LEU 9   6   6  LEU LEU A . n 
A 1 10  GLN 10  7   7  GLN GLN A . n 
A 1 11  GLU 11  8   8  GLU GLU A . n 
A 1 12  ILE 12  9   9  ILE ILE A . n 
A 1 13  TYR 13  10  10 TYR TYR A . n 
A 1 14  GLN 14  11  11 GLN GLN A . n 
A 1 15  GLU 15  12  12 GLU GLU A . n 
A 1 16  LEU 16  13  13 LEU LEU A . n 
A 1 17  THR 17  14  14 THR THR A . n 
A 1 18  ARG 18  15  15 ARG ARG A . y 
A 1 18  GLN 18  15  15 GLN GLN A . y 
A 1 18  GLU 18  15  15 GLU GLU A . y 
A 1 19  LEU 19  16  16 LEU LEU A . n 
A 1 20  LYS 20  17  17 LYS LYS A . n 
A 1 21  ALA 21  18  18 ALA ALA A . n 
A 1 22  ALA 22  19  19 ALA ALA A . n 
A 1 23  VAL 23  20  20 VAL VAL A . n 
A 1 24  GLY 24  21  21 GLY GLY A . n 
A 1 25  GLU 25  22  22 GLU GLU A . n 
A 1 26  LEU 26  23  23 LEU LEU A . n 
A 1 27  PRO 27  24  ?  ?   ?   A . n 
A 1 28  GLU 28  25  ?  ?   ?   A . n 
A 1 29  LYS 29  26  ?  ?   ?   A . n 
A 1 30  SER 30  27  ?  ?   ?   A . n 
A 1 31  LYS 31  28  ?  ?   ?   A . n 
A 1 32  LEU 32  29  ?  ?   ?   A . n 
A 1 33  GLN 33  30  ?  ?   ?   A . n 
A 1 34  GLU 34  31  ?  ?   ?   A . n 
A 1 35  ILE 35  32  ?  ?   ?   A . n 
A 1 36  TYR 36  33  ?  ?   ?   A . n 
A 1 37  GLN 37  34  ?  ?   ?   A . n 
A 1 38  GLU 38  35  ?  ?   ?   A . n 
A 1 39  LEU 39  36  ?  ?   ?   A . n 
A 1 40  THR 40  37  ?  ?   ?   A . n 
A 1 41  ARG 41  38  ?  ?   ?   A . n 
A 1 42  LEU 42  39  ?  ?   ?   A . n 
A 1 43  LYS 43  40  ?  ?   ?   A . n 
A 1 44  ALA 44  41  ?  ?   ?   A . n 
A 1 45  ALA 45  42  ?  ?   ?   A . n 
A 1 46  VAL 46  43  ?  ?   ?   A . n 
A 1 47  GLY 47  44  ?  ?   ?   A . n 
A 1 48  GLU 48  45  ?  ?   ?   A . n 
A 1 49  LEU 49  46  ?  ?   ?   A . n 
A 1 50  PRO 50  47  ?  ?   ?   A . n 
A 1 51  GLU 51  48  ?  ?   ?   A . n 
A 1 52  LYS 52  49  ?  ?   ?   A . n 
A 1 53  SER 53  50  ?  ?   ?   A . n 
A 1 54  LYS 54  51  ?  ?   ?   A . n 
A 1 55  LEU 55  52  ?  ?   ?   A . n 
A 1 56  GLN 56  53  ?  ?   ?   A . n 
A 1 57  GLU 57  54  ?  ?   ?   A . n 
A 1 58  ILE 58  55  ?  ?   ?   A . n 
A 1 59  TYR 59  56  ?  ?   ?   A . n 
A 1 60  GLN 60  57  ?  ?   ?   A . n 
A 1 61  GLU 61  58  ?  ?   ?   A . n 
A 1 62  LEU 62  59  ?  ?   ?   A . n 
A 1 63  THR 63  60  ?  ?   ?   A . n 
A 1 64  ARG 64  61  ?  ?   ?   A . n 
A 1 65  LEU 65  62  ?  ?   ?   A . n 
A 1 66  LYS 66  63  ?  ?   ?   A . n 
A 1 67  ALA 67  64  ?  ?   ?   A . n 
A 1 68  ALA 68  65  ?  ?   ?   A . n 
A 1 69  VAL 69  66  ?  ?   ?   A . n 
A 1 70  GLY 70  67  ?  ?   ?   A . n 
A 1 71  GLU 71  68  ?  ?   ?   A . n 
A 1 72  LEU 72  69  ?  ?   ?   A . n 
A 1 73  PRO 73  70  ?  ?   ?   A . n 
A 1 74  GLU 74  71  ?  ?   ?   A . n 
A 1 75  LYS 75  72  ?  ?   ?   A . n 
A 1 76  SER 76  73  ?  ?   ?   A . n 
A 1 77  LYS 77  74  ?  ?   ?   A . n 
A 1 78  LEU 78  75  ?  ?   ?   A . n 
A 1 79  GLN 79  76  ?  ?   ?   A . n 
A 1 80  GLU 80  77  ?  ?   ?   A . n 
A 1 81  ILE 81  78  ?  ?   ?   A . n 
A 1 82  TYR 82  79  ?  ?   ?   A . n 
A 1 83  GLN 83  80  ?  ?   ?   A . n 
A 1 84  GLU 84  81  ?  ?   ?   A . n 
A 1 85  LEU 85  82  ?  ?   ?   A . n 
A 1 86  THR 86  83  ?  ?   ?   A . n 
A 1 87  ARG 87  84  ?  ?   ?   A . n 
A 1 88  LEU 88  85  ?  ?   ?   A . n 
A 1 89  LYS 89  86  ?  ?   ?   A . n 
A 1 90  ALA 90  87  ?  ?   ?   A . n 
A 1 91  ALA 91  88  ?  ?   ?   A . n 
A 1 92  VAL 92  89  ?  ?   ?   A . n 
A 1 93  GLY 93  90  ?  ?   ?   A . n 
A 1 94  GLU 94  91  ?  ?   ?   A . n 
A 1 95  LEU 95  92  ?  ?   ?   A . n 
A 1 96  PRO 96  93  ?  ?   ?   A . n 
A 1 97  GLU 97  94  ?  ?   ?   A . n 
A 1 98  LYS 98  95  ?  ?   ?   A . n 
A 1 99  SER 99  96  ?  ?   ?   A . n 
A 1 100 LYS 100 97  ?  ?   ?   A . n 
A 1 101 LEU 101 98  ?  ?   ?   A . n 
A 1 102 GLN 102 99  ?  ?   ?   A . n 
A 1 103 GLU 103 100 ?  ?   ?   A . n 
A 1 104 ILE 104 101 ?  ?   ?   A . n 
A 1 105 TYR 105 102 ?  ?   ?   A . n 
A 1 106 GLN 106 103 ?  ?   ?   A . n 
A 1 107 GLU 107 104 ?  ?   ?   A . n 
A 1 108 LEU 108 105 ?  ?   ?   A . n 
A 1 109 THR 109 106 ?  ?   ?   A . n 
A 1 110 GLU 110 107 ?  ?   ?   A . n 
A 1 111 LEU 111 108 ?  ?   ?   A . n 
A 1 112 LYS 112 109 ?  ?   ?   A . n 
A 1 113 ALA 113 110 ?  ?   ?   A . n 
A 1 114 ALA 114 111 ?  ?   ?   A . n 
A 1 115 VAL 115 112 ?  ?   ?   A . n 
A 1 116 GLY 116 113 ?  ?   ?   A . n 
A 1 117 GLU 117 114 ?  ?   ?   A . n 
A 1 118 LEU 118 115 ?  ?   ?   A . n 
A 1 119 PRO 119 116 ?  ?   ?   A . n 
A 1 120 GLU 120 117 ?  ?   ?   A . n 
A 1 121 LYS 121 118 ?  ?   ?   A . n 
A 1 122 SER 122 119 ?  ?   ?   A . n 
A 1 123 LYS 123 120 ?  ?   ?   A . n 
A 1 124 LEU 124 121 ?  ?   ?   A . n 
A 1 125 GLN 125 122 ?  ?   ?   A . n 
A 1 126 GLU 126 123 ?  ?   ?   A . n 
A 1 127 ILE 127 124 ?  ?   ?   A . n 
A 1 128 TYR 128 125 ?  ?   ?   A . n 
A 1 129 GLN 129 126 ?  ?   ?   A . n 
A 1 130 GLU 130 127 ?  ?   ?   A . n 
A 1 131 LEU 131 128 ?  ?   ?   A . n 
A 1 132 THR 132 129 ?  ?   ?   A . n 
A 1 133 GLN 133 130 ?  ?   ?   A . n 
A 1 134 LEU 134 131 ?  ?   ?   A . n 
A 1 135 LYS 135 132 ?  ?   ?   A . n 
A 1 136 ALA 136 133 ?  ?   ?   A . n 
A 1 137 ALA 137 134 ?  ?   ?   A . n 
A 1 138 VAL 138 135 ?  ?   ?   A . n 
A 1 139 GLY 139 136 ?  ?   ?   A . n 
A 1 140 GLU 140 137 ?  ?   ?   A . n 
A 1 141 LEU 141 138 ?  ?   ?   A . n 
A 1 142 PRO 142 139 ?  ?   ?   A . n 
A 1 143 ASP 143 140 ?  ?   ?   A . n 
A 1 144 GLN 144 141 ?  ?   ?   A . n 
A 1 145 SER 145 142 ?  ?   ?   A . n 
A 1 146 LYS 146 143 ?  ?   ?   A . n 
A 1 147 GLN 147 144 ?  ?   ?   A . n 
A 1 148 GLN 148 145 ?  ?   ?   A . n 
A 1 149 GLN 149 146 ?  ?   ?   A . n 
A 1 150 ILE 150 147 ?  ?   ?   A . n 
A 1 151 TYR 151 148 ?  ?   ?   A . n 
A 1 152 GLN 152 149 ?  ?   ?   A . n 
A 1 153 GLU 153 150 ?  ?   ?   A . n 
A 1 154 LEU 154 151 ?  ?   ?   A . n 
A 1 155 THR 155 152 ?  ?   ?   A . n 
A 1 156 ASP 156 153 ?  ?   ?   A . n 
A 1 157 LEU 157 154 ?  ?   ?   A . n 
A 1 158 LYS 158 155 ?  ?   ?   A . n 
A 1 159 THR 159 156 ?  ?   ?   A . n 
A 1 160 ALA 160 157 ?  ?   ?   A . n 
A 1 161 PHE 161 158 ?  ?   ?   A . n 
A 1 162 GLU 162 159 ?  ?   ?   A . n 
A 1 163 ARG 163 160 ?  ?   ?   A . n 
A 1 164 LEU 164 161 ?  ?   ?   A . n 
A 1 165 GLY 165 162 ?  ?   ?   A . n 
A 1 166 HIS 166 163 ?  ?   ?   A . n 
A 1 167 HIS 167 164 ?  ?   ?   A . n 
# 
loop_
_pdbx_nonpoly_scheme.asym_id 
_pdbx_nonpoly_scheme.entity_id 
_pdbx_nonpoly_scheme.mon_id 
_pdbx_nonpoly_scheme.ndb_seq_num 
_pdbx_nonpoly_scheme.pdb_seq_num 
_pdbx_nonpoly_scheme.auth_seq_num 
_pdbx_nonpoly_scheme.pdb_mon_id 
_pdbx_nonpoly_scheme.auth_mon_id 
_pdbx_nonpoly_scheme.pdb_strand_id 
_pdbx_nonpoly_scheme.pdb_ins_code 
B 2 HOH 1  142 1  HOH HOH A . 
B 2 HOH 2  143 2  HOH HOH A . 
B 2 HOH 3  144 3  HOH HOH A . 
B 2 HOH 4  145 4  HOH HOH A . 
B 2 HOH 5  146 5  HOH HOH A . 
B 2 HOH 6  147 6  HOH HOH A . 
B 2 HOH 7  148 7  HOH HOH A . 
B 2 HOH 8  149 8  HOH HOH A . 
B 2 HOH 9  150 9  HOH HOH A . 
B 2 HOH 10 151 10 HOH HOH A . 
B 2 HOH 11 152 11 HOH HOH A . 
B 2 HOH 12 153 12 HOH HOH A . 
B 2 HOH 13 154 13 HOH HOH A . 
B 2 HOH 14 155 14 HOH HOH A . 
B 2 HOH 15 156 15 HOH HOH A . 
B 2 HOH 16 157 16 HOH HOH A . 
B 2 HOH 17 158 17 HOH HOH A . 
B 2 HOH 18 159 18 HOH HOH A . 
B 2 HOH 19 160 19 HOH HOH A . 
B 2 HOH 20 161 20 HOH HOH A . 
B 2 HOH 21 162 21 HOH HOH A . 
# 
loop_
_software.name 
_software.classification 
_software.version 
_software.citation_id 
_software.pdbx_ordinal 
PHENIX  refinement        '(phenix.refine)' ? 1 
PHENIX  'model building'  .                 ? 2 
CNS     refinement        .                 ? 3 
Blu-Ice 'data collection' ice               ? 4 
MOSFLM  'data reduction'  .                 ? 5 
SCALA   'data scaling'    .                 ? 6 
PHENIX  phasing           .                 ? 7 
CNS     phasing           .                 ? 8 
# 
_cell.entry_id           3JQH 
_cell.length_a           34.17 
_cell.length_b           34.17 
_cell.length_c           36.72 
_cell.angle_alpha        90.00 
_cell.angle_beta         90.00 
_cell.angle_gamma        90.00 
_cell.Z_PDB              8 
_cell.pdbx_unique_axis   ? 
_cell.length_a_esd       ? 
_cell.length_b_esd       ? 
_cell.length_c_esd       ? 
_cell.angle_alpha_esd    ? 
_cell.angle_beta_esd     ? 
_cell.angle_gamma_esd    ? 
# 
_symmetry.entry_id                         3JQH 
_symmetry.space_group_name_H-M             'P 4 21 2' 
_symmetry.pdbx_full_space_group_name_H-M   ? 
_symmetry.cell_setting                     ? 
_symmetry.Int_Tables_number                90 
_symmetry.space_group_name_Hall            ? 
# 
_exptl.entry_id          3JQH 
_exptl.method            'X-RAY DIFFRACTION' 
_exptl.crystals_number   1 
# 
_exptl_crystal.id                    1 
_exptl_crystal.density_meas          ? 
_exptl_crystal.density_Matthews      ? 
_exptl_crystal.density_percent_sol   ? 
_exptl_crystal.description           ? 
_exptl_crystal.F_000                 ? 
_exptl_crystal.preparation           ? 
# 
_exptl_crystal_grow.crystal_id      1 
_exptl_crystal_grow.method          'VAPOR DIFFUSION, HANGING DROP' 
_exptl_crystal_grow.temp            291 
_exptl_crystal_grow.temp_details    ? 
_exptl_crystal_grow.pH              6.5 
_exptl_crystal_grow.pdbx_details    
;Protein solution: 2.8 mg/ml protein, 10 mM Tris-Cl, pH 8.0, and 25 mM NaCl.  
Reservoir solution: 9% polyethylene glycol 6000, 1.25 M NaCl and 0.1 Bis-Tris, pH 6.5., VAPOR DIFFUSION, HANGING DROP, temperature 291K
;
_exptl_crystal_grow.pdbx_pH_range   ? 
# 
_diffrn.id                     1 
_diffrn.ambient_temp           100 
_diffrn.ambient_temp_details   ? 
_diffrn.crystal_id             1 
# 
_diffrn_detector.diffrn_id              1 
_diffrn_detector.detector               CCD 
_diffrn_detector.type                   'MARMOSAIC 325 mm CCD' 
_diffrn_detector.pdbx_collection_date   2009-02-04 
_diffrn_detector.details                ? 
# 
_diffrn_radiation.diffrn_id                        1 
_diffrn_radiation.wavelength_id                    1 
_diffrn_radiation.pdbx_monochromatic_or_laue_m_l   M 
_diffrn_radiation.monochromator                    ? 
_diffrn_radiation.pdbx_diffrn_protocol             'SINGLE WAVELENGTH' 
_diffrn_radiation.pdbx_scattering_type             x-ray 
# 
_diffrn_radiation_wavelength.id           1 
_diffrn_radiation_wavelength.wavelength   0.97945 
_diffrn_radiation_wavelength.wt           1.0 
# 
_diffrn_source.diffrn_id                   1 
_diffrn_source.source                      SYNCHROTRON 
_diffrn_source.type                        'SSRL BEAMLINE BL11-1' 
_diffrn_source.pdbx_synchrotron_site       SSRL 
_diffrn_source.pdbx_synchrotron_beamline   BL11-1 
_diffrn_source.pdbx_wavelength             ? 
_diffrn_source.pdbx_wavelength_list        0.97945 
# 
_reflns.entry_id                     3JQH 
_reflns.observed_criterion_sigma_I   ? 
_reflns.observed_criterion_sigma_F   ? 
_reflns.d_resolution_low             36.719 
_reflns.d_resolution_high            2.20 
_reflns.number_obs                   1283 
_reflns.number_all                   ? 
_reflns.percent_possible_obs         99.9 
_reflns.pdbx_Rmerge_I_obs            0.061 
_reflns.pdbx_Rsym_value              ? 
_reflns.pdbx_netI_over_sigmaI        ? 
_reflns.B_iso_Wilson_estimate        ? 
_reflns.pdbx_redundancy              14.7 
_reflns.R_free_details               ? 
_reflns.limit_h_max                  ? 
_reflns.limit_h_min                  ? 
_reflns.limit_k_max                  ? 
_reflns.limit_k_min                  ? 
_reflns.limit_l_max                  ? 
_reflns.limit_l_min                  ? 
_reflns.observed_criterion_F_max     ? 
_reflns.observed_criterion_F_min     ? 
_reflns.pdbx_chi_squared             ? 
_reflns.pdbx_scaling_rejects         ? 
_reflns.pdbx_diffrn_id               1 
_reflns.pdbx_ordinal                 1 
# 
_reflns_shell.d_res_high             2.2 
_reflns_shell.d_res_low              2.32 
_reflns_shell.percent_possible_all   100 
_reflns_shell.Rmerge_I_obs           0.126 
_reflns_shell.pdbx_Rsym_value        ? 
_reflns_shell.meanI_over_sigI_obs    ? 
_reflns_shell.pdbx_redundancy        ? 
_reflns_shell.percent_possible_obs   ? 
_reflns_shell.number_unique_all      ? 
_reflns_shell.number_measured_all    ? 
_reflns_shell.number_measured_obs    ? 
_reflns_shell.number_unique_obs      ? 
_reflns_shell.pdbx_chi_squared       ? 
_reflns_shell.pdbx_diffrn_id         ? 
_reflns_shell.pdbx_ordinal           1 
# 
_refine.entry_id                                 3JQH 
_refine.ls_number_reflns_obs                     1272 
_refine.ls_number_reflns_all                     ? 
_refine.pdbx_ls_sigma_I                          ? 
_refine.pdbx_ls_sigma_F                          0 
_refine.pdbx_data_cutoff_high_absF               ? 
_refine.pdbx_data_cutoff_low_absF                ? 
_refine.pdbx_data_cutoff_high_rms_absF           ? 
_refine.ls_d_res_low                             36.719 
_refine.ls_d_res_high                            2.201 
_refine.ls_percent_reflns_obs                    99.45 
_refine.ls_R_factor_obs                          0.1950 
_refine.ls_R_factor_all                          ? 
_refine.ls_R_factor_R_work                       0.1936 
_refine.ls_R_factor_R_free                       0.2164 
_refine.ls_R_factor_R_free_error                 ? 
_refine.ls_R_factor_R_free_error_details         ? 
_refine.ls_percent_reflns_R_free                 5.03 
_refine.ls_number_reflns_R_free                  64 
_refine.ls_number_parameters                     ? 
_refine.ls_number_restraints                     ? 
_refine.occupancy_min                            ? 
_refine.occupancy_max                            ? 
_refine.correlation_coeff_Fo_to_Fc               ? 
_refine.correlation_coeff_Fo_to_Fc_free          ? 
_refine.B_iso_mean                               ? 
_refine.aniso_B[1][1]                            ? 
_refine.aniso_B[2][2]                            ? 
_refine.aniso_B[3][3]                            ? 
_refine.aniso_B[1][2]                            ? 
_refine.aniso_B[1][3]                            ? 
_refine.aniso_B[2][3]                            ? 
_refine.solvent_model_details                    'FLAT BULK SOLVENT MODEL' 
_refine.solvent_model_param_ksol                 0.385 
_refine.solvent_model_param_bsol                 124.697 
_refine.pdbx_solvent_vdw_probe_radii             1.11 
_refine.pdbx_solvent_ion_probe_radii             ? 
_refine.pdbx_solvent_shrinkage_radii             0.90 
_refine.pdbx_ls_cross_valid_method               ? 
_refine.details                                  ? 
_refine.pdbx_starting_model                      ? 
_refine.pdbx_method_to_determine_struct          MAD 
_refine.pdbx_isotropic_thermal_model             ? 
_refine.pdbx_stereochemistry_target_values       ML 
_refine.pdbx_stereochem_target_val_spec_case     ? 
_refine.pdbx_R_Free_selection_details            ? 
_refine.pdbx_overall_ESU_R                       ? 
_refine.pdbx_overall_ESU_R_Free                  ? 
_refine.overall_SU_ML                            0.53 
_refine.overall_SU_B                             ? 
_refine.ls_redundancy_reflns_obs                 ? 
_refine.B_iso_min                                ? 
_refine.B_iso_max                                ? 
_refine.overall_SU_R_Cruickshank_DPI             ? 
_refine.overall_SU_R_free                        ? 
_refine.ls_wR_factor_R_free                      ? 
_refine.ls_wR_factor_R_work                      ? 
_refine.overall_FOM_free_R_set                   ? 
_refine.overall_FOM_work_R_set                   ? 
_refine.pdbx_overall_phase_error                 ? 
_refine.pdbx_refine_id                           'X-RAY DIFFRACTION' 
_refine.pdbx_diffrn_id                           1 
_refine.pdbx_TLS_residual_ADP_flag               ? 
_refine.pdbx_overall_SU_R_free_Cruickshank_DPI   ? 
_refine.pdbx_overall_SU_R_Blow_DPI               ? 
_refine.pdbx_overall_SU_R_free_Blow_DPI          ? 
# 
_refine_hist.pdbx_refine_id                   'X-RAY DIFFRACTION' 
_refine_hist.cycle_id                         LAST 
_refine_hist.pdbx_number_atoms_protein        217 
_refine_hist.pdbx_number_atoms_nucleic_acid   0 
_refine_hist.pdbx_number_atoms_ligand         0 
_refine_hist.number_atoms_solvent             21 
_refine_hist.number_atoms_total               238 
_refine_hist.d_res_high                       2.201 
_refine_hist.d_res_low                        36.719 
# 
loop_
_refine_ls_restr.type 
_refine_ls_restr.dev_ideal 
_refine_ls_restr.dev_ideal_target 
_refine_ls_restr.weight 
_refine_ls_restr.number 
_refine_ls_restr.pdbx_refine_id 
_refine_ls_restr.pdbx_restraint_function 
f_bond_d           0.007  ? ? 223 'X-RAY DIFFRACTION' ? 
f_angle_d          0.957  ? ? 298 'X-RAY DIFFRACTION' ? 
f_dihedral_angle_d 14.391 ? ? 94  'X-RAY DIFFRACTION' ? 
f_chiral_restr     0.042  ? ? 33  'X-RAY DIFFRACTION' ? 
f_plane_restr      0.003  ? ? 39  'X-RAY DIFFRACTION' ? 
# 
_refine_ls_shell.pdbx_total_number_of_bins_used   ? 
_refine_ls_shell.d_res_high                       2.201 
_refine_ls_shell.d_res_low                        2.32 
_refine_ls_shell.number_reflns_R_work             1208 
_refine_ls_shell.R_factor_R_work                  ? 
_refine_ls_shell.percent_reflns_obs               ? 
_refine_ls_shell.R_factor_R_free                  ? 
_refine_ls_shell.R_factor_R_free_error            ? 
_refine_ls_shell.percent_reflns_R_free            ? 
_refine_ls_shell.number_reflns_R_free             ? 
_refine_ls_shell.number_reflns_all                ? 
_refine_ls_shell.R_factor_all                     ? 
_refine_ls_shell.number_reflns_obs                ? 
_refine_ls_shell.redundancy_reflns_obs            ? 
_refine_ls_shell.pdbx_refine_id                   'X-RAY DIFFRACTION' 
# 
_struct.entry_id                  3JQH 
_struct.title                     'Structure of the neck region of the glycan-binding receptor DC-SIGNR' 
_struct.pdbx_model_details        ? 
_struct.pdbx_CASP_flag            ? 
_struct.pdbx_model_type_details   ? 
# 
_struct_keywords.entry_id        3JQH 
_struct_keywords.pdbx_keywords   'SUGAR BINDING PROTEIN' 
_struct_keywords.text            
;DC-SIGNR, four-helix bundle, oligomerization domain, Alternative splicing, Calcium, Cell membrane, Disulfide bond, Endocytosis, Glycoprotein, Host-virus interaction, Immune response, Lectin, Mannose-binding, Membrane, Metal-binding, Polymorphism, Receptor, Secreted, Signal-anchor, Transmembrane, SUGAR BINDING PROTEIN
;
# 
loop_
_struct_asym.id 
_struct_asym.pdbx_blank_PDB_chainid_flag 
_struct_asym.pdbx_modified 
_struct_asym.entity_id 
_struct_asym.details 
A N N 1 ? 
B N N 2 ? 
# 
_struct_ref.id                         1 
_struct_ref.db_name                    UNP 
_struct_ref.db_code                    CLC4M_HUMAN 
_struct_ref.pdbx_db_accession          Q9H2X3 
_struct_ref.entity_id                  1 
_struct_ref.pdbx_seq_one_letter_code   
;GELSEKSKLQEIYQELTQLKAAVGELPEKSKLQEIYQELTRLKAAVGELPEKSKLQEIYQELTRLKAAVGELPEKSKLQE
IYQELTRLKAAVGELPEKSKLQEIYQELTELKAAVGELPEKSKLQEIYQELTQLKAAVGELPDQSKQQQIYQELTDLKTA
FERL
;
_struct_ref.pdbx_align_begin           101 
_struct_ref.pdbx_db_isoform            ? 
# 
_struct_ref_seq.align_id                      1 
_struct_ref_seq.ref_id                        1 
_struct_ref_seq.pdbx_PDB_id_code              3JQH 
_struct_ref_seq.pdbx_strand_id                A 
_struct_ref_seq.seq_align_beg                 1 
_struct_ref_seq.pdbx_seq_align_beg_ins_code   ? 
_struct_ref_seq.seq_align_end                 164 
_struct_ref_seq.pdbx_seq_align_end_ins_code   ? 
_struct_ref_seq.pdbx_db_accession             Q9H2X3 
_struct_ref_seq.db_align_beg                  101 
_struct_ref_seq.pdbx_db_align_beg_ins_code    ? 
_struct_ref_seq.db_align_end                  264 
_struct_ref_seq.pdbx_db_align_end_ins_code    ? 
_struct_ref_seq.pdbx_auth_seq_align_beg       -2 
_struct_ref_seq.pdbx_auth_seq_align_end       161 
# 
loop_
_struct_ref_seq_dif.align_id 
_struct_ref_seq_dif.pdbx_pdb_id_code 
_struct_ref_seq_dif.mon_id 
_struct_ref_seq_dif.pdbx_pdb_strand_id 
_struct_ref_seq_dif.seq_num 
_struct_ref_seq_dif.pdbx_pdb_ins_code 
_struct_ref_seq_dif.pdbx_seq_db_name 
_struct_ref_seq_dif.pdbx_seq_db_accession_code 
_struct_ref_seq_dif.db_mon_id 
_struct_ref_seq_dif.pdbx_seq_db_seq_num 
_struct_ref_seq_dif.details 
_struct_ref_seq_dif.pdbx_auth_seq_num 
_struct_ref_seq_dif.pdbx_ordinal 
1 3JQH GLY A 165 ? UNP Q9H2X3 ? ? insertion 162 1 
1 3JQH HIS A 166 ? UNP Q9H2X3 ? ? insertion 163 2 
1 3JQH HIS A 167 ? UNP Q9H2X3 ? ? insertion 164 3 
# 
_pdbx_struct_assembly.id                   1 
_pdbx_struct_assembly.details              author_and_software_defined_assembly 
_pdbx_struct_assembly.method_details       PISA 
_pdbx_struct_assembly.oligomeric_details   24-meric 
_pdbx_struct_assembly.oligomeric_count     24 
# 
loop_
_pdbx_struct_assembly_prop.biol_id 
_pdbx_struct_assembly_prop.type 
_pdbx_struct_assembly_prop.value 
_pdbx_struct_assembly_prop.details 
1 'ABSA (A^2)' 4670 ? 
1 MORE         -52  ? 
1 'SSA (A^2)'  5660 ? 
# 
_pdbx_struct_assembly_gen.assembly_id       1 
_pdbx_struct_assembly_gen.oper_expression   1,2,3,4,5,6,7,8,9,10,11,12,13,14,15,16,17,18,19,20,21,22,23,24 
_pdbx_struct_assembly_gen.asym_id_list      A,B 
# 
loop_
_pdbx_struct_oper_list.id 
_pdbx_struct_oper_list.type 
_pdbx_struct_oper_list.name 
_pdbx_struct_oper_list.symmetry_operation 
_pdbx_struct_oper_list.matrix[1][1] 
_pdbx_struct_oper_list.matrix[1][2] 
_pdbx_struct_oper_list.matrix[1][3] 
_pdbx_struct_oper_list.vector[1] 
_pdbx_struct_oper_list.matrix[2][1] 
_pdbx_struct_oper_list.matrix[2][2] 
_pdbx_struct_oper_list.matrix[2][3] 
_pdbx_struct_oper_list.vector[2] 
_pdbx_struct_oper_list.matrix[3][1] 
_pdbx_struct_oper_list.matrix[3][2] 
_pdbx_struct_oper_list.matrix[3][3] 
_pdbx_struct_oper_list.vector[3] 
1  'identity operation'         1_555 x,y,z            1.0000000000  0.0000000000 0.0000000000  0.0000000000   0.0000000000 1.0000000000 0.0000000000  0.0000000000   0.0000000000  0.0000000000  1.0000000000  0.0000000000  
2  'crystal symmetry operation' 1_556 x,y,z+1          1.0000000000  0.0000000000 0.0000000000  18.7211109446  0.0000000000 1.0000000000 0.0000000000  31.1945432337  0.0000000000  0.0000000000  1.0000000000  4.9778386313  
3  'crystal symmetry operation' 1_557 x,y,z+2          1.0000000000  0.0000000000 0.0000000000  37.4422218892  0.0000000000 1.0000000000 0.0000000000  62.3890864674  0.0000000000  0.0000000000  1.0000000000  9.9556772627  
4  'crystal symmetry operation' 1_558 x,y,z+3          1.0000000000  0.0000000000 0.0000000000  56.1633328338  0.0000000000 1.0000000000 0.0000000000  93.5836297011  0.0000000000  0.0000000000  1.0000000000  14.9335158940 
5  'crystal symmetry operation' 1_559 x,y,z+4          1.0000000000  0.0000000000 0.0000000000  74.8844437784  0.0000000000 1.0000000000 0.0000000000  124.7781729349 0.0000000000  0.0000000000  1.0000000000  19.9113545254 
6  'crystal symmetry operation' 1_554 x,y,z-1          1.0000000000  0.0000000000 0.0000000000  -18.7211109446 0.0000000000 1.0000000000 0.0000000000  -31.1945432337 0.0000000000  0.0000000000  1.0000000000  -4.9778386313 
7  'crystal symmetry operation' 2_565 -x,-y+1,z        -0.4801382259 0.8662333468 0.1382283364  -4.5670405736  0.8662333468 0.4433840848 0.2303265992  0.6104500324   0.1382283364  0.2303265992  -0.9632458589 13.3506463869 
8  'crystal symmetry operation' 2_566 -x,-y+1,z+1      -0.4801382259 0.8662333468 0.1382283364  14.1540703710  0.8662333468 0.4433840848 0.2303265992  31.8049932661  0.1382283364  0.2303265992  -0.9632458589 18.3284850183 
9  'crystal symmetry operation' 2_567 -x,-y+1,z+2      -0.4801382259 0.8662333468 0.1382283364  32.8751813156  0.8662333468 0.4433840848 0.2303265992  62.9995364998  0.1382283364  0.2303265992  -0.9632458589 23.3063236496 
10 'crystal symmetry operation' 2_568 -x,-y+1,z+3      -0.4801382259 0.8662333468 0.1382283364  51.5962922602  0.8662333468 0.4433840848 0.2303265992  94.1940797336  0.1382283364  0.2303265992  -0.9632458589 28.2841622810 
11 'crystal symmetry operation' 2_569 -x,-y+1,z+4      -0.4801382259 0.8662333468 0.1382283364  70.3174032048  0.8662333468 0.4433840848 0.2303265992  125.3886229673 0.1382283364  0.2303265992  -0.9632458589 33.2620009123 
12 'crystal symmetry operation' 2_564 -x,-y+1,z-1      -0.4801382259 0.8662333468 0.1382283364  -23.2881515182 0.8662333468 0.4433840848 0.2303265992  -30.5840932013 0.1382283364  0.2303265992  -0.9632458589 8.3728077556  
13 'crystal symmetry operation' 3_555 -y+1/2,x+1/2,z   0.2599308871  0.2975546192 0.9186387661  -7.9129946082  0.5686787276 0.7216920424 -0.3946708764 4.0180916174   -0.7804104296 0.6249974757  0.0183770705  4.5798023955  
14 'crystal symmetry operation' 3_556 -y+1/2,x+1/2,z+1 0.2599308871  0.2975546192 0.9186387661  10.8081163364  0.5686787276 0.7216920424 -0.3946708764 35.2126348511  -0.7804104296 0.6249974757  0.0183770705  9.5576410268  
15 'crystal symmetry operation' 3_557 -y+1/2,x+1/2,z+2 0.2599308871  0.2975546192 0.9186387661  29.5292272811  0.5686787276 0.7216920424 -0.3946708764 66.4071780848  -0.7804104296 0.6249974757  0.0183770705  14.5354796582 
16 'crystal symmetry operation' 3_558 -y+1/2,x+1/2,z+3 0.2599308871  0.2975546192 0.9186387661  48.2503382257  0.5686787276 0.7216920424 -0.3946708764 97.6017213185  -0.7804104296 0.6249974757  0.0183770705  19.5133182895 
17 'crystal symmetry operation' 3_559 -y+1/2,x+1/2,z+4 0.2599308871  0.2975546192 0.9186387661  66.9714491703  0.5686787276 0.7216920424 -0.3946708764 128.7962645522 -0.7804104296 0.6249974757  0.0183770705  24.4911569208 
18 'crystal symmetry operation' 3_554 -y+1/2,x+1/2,z-1 0.2599308871  0.2975546192 0.9186387661  -26.6341055528 0.5686787276 0.7216920424 -0.3946708764 -27.1764516163 -0.7804104296 0.6249974757  0.0183770705  -0.3980362359 
19 'crystal symmetry operation' 4_455 y-1/2,-x+1/2,z   0.2599308871  0.5686787276 -0.7804104296 3.3459540346   0.2975546192 0.7216920424 0.6249974757  -3.4076415850  0.9186387661  -0.3946708764 0.0183770705  8.7708439915  
20 'crystal symmetry operation' 4_456 y-1/2,-x+1/2,z+1 0.2599308871  0.5686787276 -0.7804104296 22.0670649792  0.2975546192 0.7216920424 0.6249974757  27.7869016488  0.9186387661  -0.3946708764 0.0183770705  13.7486826228 
21 'crystal symmetry operation' 4_457 y-1/2,-x+1/2,z+2 0.2599308871  0.5686787276 -0.7804104296 40.7881759238  0.2975546192 0.7216920424 0.6249974757  58.9814448825  0.9186387661  -0.3946708764 0.0183770705  18.7265212542 
22 'crystal symmetry operation' 4_458 y-1/2,-x+1/2,z+3 0.2599308871  0.5686787276 -0.7804104296 59.5092868684  0.2975546192 0.7216920424 0.6249974757  90.1759881162  0.9186387661  -0.3946708764 0.0183770705  23.7043598855 
23 'crystal symmetry operation' 4_459 y-1/2,-x+1/2,z+4 0.2599308871  0.5686787276 -0.7804104296 78.2303978130  0.2975546192 0.7216920424 0.6249974757  121.3705313499 0.9186387661  -0.3946708764 0.0183770705  28.6821985169 
24 'crystal symmetry operation' 4_454 y-1/2,-x+1/2,z-1 0.2599308871  0.5686787276 -0.7804104296 -15.3751569100 0.2975546192 0.7216920424 0.6249974757  -34.6021848187 0.9186387661  -0.3946708764 0.0183770705  3.7930053601 
# 
_struct_biol.id        1 
_struct_biol.details   
;The biological assembly is a four helix bundle, extending 7 repeats along c axis. Symmetry operations for 6 repeats are shown while last repeat is disordered.
;
# 
_struct_conf.conf_type_id            HELX_P 
_struct_conf.id                      HELX_P1 
_struct_conf.pdbx_PDB_helix_id       1 
_struct_conf.beg_label_comp_id       GLU 
_struct_conf.beg_label_asym_id       A 
_struct_conf.beg_label_seq_id        5 
_struct_conf.pdbx_beg_PDB_ins_code   ? 
_struct_conf.end_label_comp_id       GLY 
_struct_conf.end_label_asym_id       A 
_struct_conf.end_label_seq_id        24 
_struct_conf.pdbx_end_PDB_ins_code   ? 
_struct_conf.beg_auth_comp_id        GLU 
_struct_conf.beg_auth_asym_id        A 
_struct_conf.beg_auth_seq_id         2 
_struct_conf.end_auth_comp_id        GLY 
_struct_conf.end_auth_asym_id        A 
_struct_conf.end_auth_seq_id         21 
_struct_conf.pdbx_PDB_helix_class    1 
_struct_conf.details                 ? 
_struct_conf.pdbx_PDB_helix_length   20 
# 
_struct_conf_type.id          HELX_P 
_struct_conf_type.criteria    ? 
_struct_conf_type.reference   ? 
# 
loop_
_pdbx_validate_symm_contact.id 
_pdbx_validate_symm_contact.PDB_model_num 
_pdbx_validate_symm_contact.auth_atom_id_1 
_pdbx_validate_symm_contact.auth_asym_id_1 
_pdbx_validate_symm_contact.auth_comp_id_1 
_pdbx_validate_symm_contact.auth_seq_id_1 
_pdbx_validate_symm_contact.PDB_ins_code_1 
_pdbx_validate_symm_contact.label_alt_id_1 
_pdbx_validate_symm_contact.site_symmetry_1 
_pdbx_validate_symm_contact.auth_atom_id_2 
_pdbx_validate_symm_contact.auth_asym_id_2 
_pdbx_validate_symm_contact.auth_comp_id_2 
_pdbx_validate_symm_contact.auth_seq_id_2 
_pdbx_validate_symm_contact.PDB_ins_code_2 
_pdbx_validate_symm_contact.label_alt_id_2 
_pdbx_validate_symm_contact.site_symmetry_2 
_pdbx_validate_symm_contact.dist 
1 1 N A SER 1 ? B 1_555 C A LEU 23 ? ? 3_554 1.33 
2 1 N A PRO 1 ? A 1_555 C A LEU 23 ? ? 3_554 1.33 
3 1 N A SER 1 ? B 1_555 O A LEU 23 ? ? 3_554 2.11 
4 1 N A PRO 1 ? A 1_555 O A LEU 23 ? ? 3_554 2.13 
# 
loop_
_pdbx_struct_special_symmetry.id 
_pdbx_struct_special_symmetry.PDB_model_num 
_pdbx_struct_special_symmetry.auth_asym_id 
_pdbx_struct_special_symmetry.auth_comp_id 
_pdbx_struct_special_symmetry.auth_seq_id 
_pdbx_struct_special_symmetry.PDB_ins_code 
_pdbx_struct_special_symmetry.label_asym_id 
_pdbx_struct_special_symmetry.label_comp_id 
_pdbx_struct_special_symmetry.label_seq_id 
1 1 A HOH 142 ? B HOH . 
2 1 A HOH 160 ? B HOH . 
# 
_pdbx_entry_details.entry_id                 3JQH 
_pdbx_entry_details.sequence_details         
;THE COMPLETE SEQUENCE HAS 7 REPEATS AND THE ASYMMETRIC UNIT
CONTAINS 1 REPEAT OF 23 RESIDUES. THE MODEL IN COORDINATES 
REPRESENTS THE AVERAGE OF FIRST 6 REPEATS WITH ALTERNATE 
CONFORMATION AT 1 AND 15. THE 7TH REPEAT IS DISORDERED.
GELSEKSKLQEIYQELTQLKAAVGEL
   PEKSKLQEIYQELTRLKAAVGEL
   PEKSKLQEIYQELTRLKAAVGEL
   PEKSKLQEIYQELTRLKAAVGEL
   PEKSKLQEIYQELTELKAAVGEL
   PEKSKLQEIYQELTQLKAAVGEL
   PDQSKQQQIYQELTDLKTAFERLGHH
;
_pdbx_entry_details.nonpolymer_details       ? 
_pdbx_entry_details.compound_details         ? 
_pdbx_entry_details.source_details           ? 
_pdbx_entry_details.has_ligand_of_interest   ? 
# 
loop_
_pdbx_unobs_or_zero_occ_residues.id 
_pdbx_unobs_or_zero_occ_residues.PDB_model_num 
_pdbx_unobs_or_zero_occ_residues.polymer_flag 
_pdbx_unobs_or_zero_occ_residues.occupancy_flag 
_pdbx_unobs_or_zero_occ_residues.auth_asym_id 
_pdbx_unobs_or_zero_occ_residues.auth_comp_id 
_pdbx_unobs_or_zero_occ_residues.auth_seq_id 
_pdbx_unobs_or_zero_occ_residues.PDB_ins_code 
_pdbx_unobs_or_zero_occ_residues.label_asym_id 
_pdbx_unobs_or_zero_occ_residues.label_comp_id 
_pdbx_unobs_or_zero_occ_residues.label_seq_id 
1   1 Y 1 A GLY -2  ? A GLY 1   
2   1 Y 1 A GLU -1  ? A GLU 2   
3   1 Y 1 A LEU 0   ? A LEU 3   
4   1 Y 1 A PRO 24  ? A PRO 27  
5   1 Y 1 A GLU 25  ? A GLU 28  
6   1 Y 1 A LYS 26  ? A LYS 29  
7   1 Y 1 A SER 27  ? A SER 30  
8   1 Y 1 A LYS 28  ? A LYS 31  
9   1 Y 1 A LEU 29  ? A LEU 32  
10  1 Y 1 A GLN 30  ? A GLN 33  
11  1 Y 1 A GLU 31  ? A GLU 34  
12  1 Y 1 A ILE 32  ? A ILE 35  
13  1 Y 1 A TYR 33  ? A TYR 36  
14  1 Y 1 A GLN 34  ? A GLN 37  
15  1 Y 1 A GLU 35  ? A GLU 38  
16  1 Y 1 A LEU 36  ? A LEU 39  
17  1 Y 1 A THR 37  ? A THR 40  
18  1 Y 1 A ARG 38  ? A ARG 41  
19  1 Y 1 A LEU 39  ? A LEU 42  
20  1 Y 1 A LYS 40  ? A LYS 43  
21  1 Y 1 A ALA 41  ? A ALA 44  
22  1 Y 1 A ALA 42  ? A ALA 45  
23  1 Y 1 A VAL 43  ? A VAL 46  
24  1 Y 1 A GLY 44  ? A GLY 47  
25  1 Y 1 A GLU 45  ? A GLU 48  
26  1 Y 1 A LEU 46  ? A LEU 49  
27  1 Y 1 A PRO 47  ? A PRO 50  
28  1 Y 1 A GLU 48  ? A GLU 51  
29  1 Y 1 A LYS 49  ? A LYS 52  
30  1 Y 1 A SER 50  ? A SER 53  
31  1 Y 1 A LYS 51  ? A LYS 54  
32  1 Y 1 A LEU 52  ? A LEU 55  
33  1 Y 1 A GLN 53  ? A GLN 56  
34  1 Y 1 A GLU 54  ? A GLU 57  
35  1 Y 1 A ILE 55  ? A ILE 58  
36  1 Y 1 A TYR 56  ? A TYR 59  
37  1 Y 1 A GLN 57  ? A GLN 60  
38  1 Y 1 A GLU 58  ? A GLU 61  
39  1 Y 1 A LEU 59  ? A LEU 62  
40  1 Y 1 A THR 60  ? A THR 63  
41  1 Y 1 A ARG 61  ? A ARG 64  
42  1 Y 1 A LEU 62  ? A LEU 65  
43  1 Y 1 A LYS 63  ? A LYS 66  
44  1 Y 1 A ALA 64  ? A ALA 67  
45  1 Y 1 A ALA 65  ? A ALA 68  
46  1 Y 1 A VAL 66  ? A VAL 69  
47  1 Y 1 A GLY 67  ? A GLY 70  
48  1 Y 1 A GLU 68  ? A GLU 71  
49  1 Y 1 A LEU 69  ? A LEU 72  
50  1 Y 1 A PRO 70  ? A PRO 73  
51  1 Y 1 A GLU 71  ? A GLU 74  
52  1 Y 1 A LYS 72  ? A LYS 75  
53  1 Y 1 A SER 73  ? A SER 76  
54  1 Y 1 A LYS 74  ? A LYS 77  
55  1 Y 1 A LEU 75  ? A LEU 78  
56  1 Y 1 A GLN 76  ? A GLN 79  
57  1 Y 1 A GLU 77  ? A GLU 80  
58  1 Y 1 A ILE 78  ? A ILE 81  
59  1 Y 1 A TYR 79  ? A TYR 82  
60  1 Y 1 A GLN 80  ? A GLN 83  
61  1 Y 1 A GLU 81  ? A GLU 84  
62  1 Y 1 A LEU 82  ? A LEU 85  
63  1 Y 1 A THR 83  ? A THR 86  
64  1 Y 1 A ARG 84  ? A ARG 87  
65  1 Y 1 A LEU 85  ? A LEU 88  
66  1 Y 1 A LYS 86  ? A LYS 89  
67  1 Y 1 A ALA 87  ? A ALA 90  
68  1 Y 1 A ALA 88  ? A ALA 91  
69  1 Y 1 A VAL 89  ? A VAL 92  
70  1 Y 1 A GLY 90  ? A GLY 93  
71  1 Y 1 A GLU 91  ? A GLU 94  
72  1 Y 1 A LEU 92  ? A LEU 95  
73  1 Y 1 A PRO 93  ? A PRO 96  
74  1 Y 1 A GLU 94  ? A GLU 97  
75  1 Y 1 A LYS 95  ? A LYS 98  
76  1 Y 1 A SER 96  ? A SER 99  
77  1 Y 1 A LYS 97  ? A LYS 100 
78  1 Y 1 A LEU 98  ? A LEU 101 
79  1 Y 1 A GLN 99  ? A GLN 102 
80  1 Y 1 A GLU 100 ? A GLU 103 
81  1 Y 1 A ILE 101 ? A ILE 104 
82  1 Y 1 A TYR 102 ? A TYR 105 
83  1 Y 1 A GLN 103 ? A GLN 106 
84  1 Y 1 A GLU 104 ? A GLU 107 
85  1 Y 1 A LEU 105 ? A LEU 108 
86  1 Y 1 A THR 106 ? A THR 109 
87  1 Y 1 A GLU 107 ? A GLU 110 
88  1 Y 1 A LEU 108 ? A LEU 111 
89  1 Y 1 A LYS 109 ? A LYS 112 
90  1 Y 1 A ALA 110 ? A ALA 113 
91  1 Y 1 A ALA 111 ? A ALA 114 
92  1 Y 1 A VAL 112 ? A VAL 115 
93  1 Y 1 A GLY 113 ? A GLY 116 
94  1 Y 1 A GLU 114 ? A GLU 117 
95  1 Y 1 A LEU 115 ? A LEU 118 
96  1 Y 1 A PRO 116 ? A PRO 119 
97  1 Y 1 A GLU 117 ? A GLU 120 
98  1 Y 1 A LYS 118 ? A LYS 121 
99  1 Y 1 A SER 119 ? A SER 122 
100 1 Y 1 A LYS 120 ? A LYS 123 
101 1 Y 1 A LEU 121 ? A LEU 124 
102 1 Y 1 A GLN 122 ? A GLN 125 
103 1 Y 1 A GLU 123 ? A GLU 126 
104 1 Y 1 A ILE 124 ? A ILE 127 
105 1 Y 1 A TYR 125 ? A TYR 128 
106 1 Y 1 A GLN 126 ? A GLN 129 
107 1 Y 1 A GLU 127 ? A GLU 130 
108 1 Y 1 A LEU 128 ? A LEU 131 
109 1 Y 1 A THR 129 ? A THR 132 
110 1 Y 1 A GLN 130 ? A GLN 133 
111 1 Y 1 A LEU 131 ? A LEU 134 
112 1 Y 1 A LYS 132 ? A LYS 135 
113 1 Y 1 A ALA 133 ? A ALA 136 
114 1 Y 1 A ALA 134 ? A ALA 137 
115 1 Y 1 A VAL 135 ? A VAL 138 
116 1 Y 1 A GLY 136 ? A GLY 139 
117 1 Y 1 A GLU 137 ? A GLU 140 
118 1 Y 1 A LEU 138 ? A LEU 141 
119 1 Y 1 A PRO 139 ? A PRO 142 
120 1 Y 1 A ASP 140 ? A ASP 143 
121 1 Y 1 A GLN 141 ? A GLN 144 
122 1 Y 1 A SER 142 ? A SER 145 
123 1 Y 1 A LYS 143 ? A LYS 146 
124 1 Y 1 A GLN 144 ? A GLN 147 
125 1 Y 1 A GLN 145 ? A GLN 148 
126 1 Y 1 A GLN 146 ? A GLN 149 
127 1 Y 1 A ILE 147 ? A ILE 150 
128 1 Y 1 A TYR 148 ? A TYR 151 
129 1 Y 1 A GLN 149 ? A GLN 152 
130 1 Y 1 A GLU 150 ? A GLU 153 
131 1 Y 1 A LEU 151 ? A LEU 154 
132 1 Y 1 A THR 152 ? A THR 155 
133 1 Y 1 A ASP 153 ? A ASP 156 
134 1 Y 1 A LEU 154 ? A LEU 157 
135 1 Y 1 A LYS 155 ? A LYS 158 
136 1 Y 1 A THR 156 ? A THR 159 
137 1 Y 1 A ALA 157 ? A ALA 160 
138 1 Y 1 A PHE 158 ? A PHE 161 
139 1 Y 1 A GLU 159 ? A GLU 162 
140 1 Y 1 A ARG 160 ? A ARG 163 
141 1 Y 1 A LEU 161 ? A LEU 164 
142 1 Y 1 A GLY 162 ? A GLY 165 
143 1 Y 1 A HIS 163 ? A HIS 166 
144 1 Y 1 A HIS 164 ? A HIS 167 
# 
loop_
_chem_comp_atom.comp_id 
_chem_comp_atom.atom_id 
_chem_comp_atom.type_symbol 
_chem_comp_atom.pdbx_aromatic_flag 
_chem_comp_atom.pdbx_stereo_config 
_chem_comp_atom.pdbx_ordinal 
ALA N    N N N 1   
ALA CA   C N S 2   
ALA C    C N N 3   
ALA O    O N N 4   
ALA CB   C N N 5   
ALA OXT  O N N 6   
ALA H    H N N 7   
ALA H2   H N N 8   
ALA HA   H N N 9   
ALA HB1  H N N 10  
ALA HB2  H N N 11  
ALA HB3  H N N 12  
ALA HXT  H N N 13  
ARG N    N N N 14  
ARG CA   C N S 15  
ARG C    C N N 16  
ARG O    O N N 17  
ARG CB   C N N 18  
ARG CG   C N N 19  
ARG CD   C N N 20  
ARG NE   N N N 21  
ARG CZ   C N N 22  
ARG NH1  N N N 23  
ARG NH2  N N N 24  
ARG OXT  O N N 25  
ARG H    H N N 26  
ARG H2   H N N 27  
ARG HA   H N N 28  
ARG HB2  H N N 29  
ARG HB3  H N N 30  
ARG HG2  H N N 31  
ARG HG3  H N N 32  
ARG HD2  H N N 33  
ARG HD3  H N N 34  
ARG HE   H N N 35  
ARG HH11 H N N 36  
ARG HH12 H N N 37  
ARG HH21 H N N 38  
ARG HH22 H N N 39  
ARG HXT  H N N 40  
ASP N    N N N 41  
ASP CA   C N S 42  
ASP C    C N N 43  
ASP O    O N N 44  
ASP CB   C N N 45  
ASP CG   C N N 46  
ASP OD1  O N N 47  
ASP OD2  O N N 48  
ASP OXT  O N N 49  
ASP H    H N N 50  
ASP H2   H N N 51  
ASP HA   H N N 52  
ASP HB2  H N N 53  
ASP HB3  H N N 54  
ASP HD2  H N N 55  
ASP HXT  H N N 56  
GLN N    N N N 57  
GLN CA   C N S 58  
GLN C    C N N 59  
GLN O    O N N 60  
GLN CB   C N N 61  
GLN CG   C N N 62  
GLN CD   C N N 63  
GLN OE1  O N N 64  
GLN NE2  N N N 65  
GLN OXT  O N N 66  
GLN H    H N N 67  
GLN H2   H N N 68  
GLN HA   H N N 69  
GLN HB2  H N N 70  
GLN HB3  H N N 71  
GLN HG2  H N N 72  
GLN HG3  H N N 73  
GLN HE21 H N N 74  
GLN HE22 H N N 75  
GLN HXT  H N N 76  
GLU N    N N N 77  
GLU CA   C N S 78  
GLU C    C N N 79  
GLU O    O N N 80  
GLU CB   C N N 81  
GLU CG   C N N 82  
GLU CD   C N N 83  
GLU OE1  O N N 84  
GLU OE2  O N N 85  
GLU OXT  O N N 86  
GLU H    H N N 87  
GLU H2   H N N 88  
GLU HA   H N N 89  
GLU HB2  H N N 90  
GLU HB3  H N N 91  
GLU HG2  H N N 92  
GLU HG3  H N N 93  
GLU HE2  H N N 94  
GLU HXT  H N N 95  
GLY N    N N N 96  
GLY CA   C N N 97  
GLY C    C N N 98  
GLY O    O N N 99  
GLY OXT  O N N 100 
GLY H    H N N 101 
GLY H2   H N N 102 
GLY HA2  H N N 103 
GLY HA3  H N N 104 
GLY HXT  H N N 105 
HIS N    N N N 106 
HIS CA   C N S 107 
HIS C    C N N 108 
HIS O    O N N 109 
HIS CB   C N N 110 
HIS CG   C Y N 111 
HIS ND1  N Y N 112 
HIS CD2  C Y N 113 
HIS CE1  C Y N 114 
HIS NE2  N Y N 115 
HIS OXT  O N N 116 
HIS H    H N N 117 
HIS H2   H N N 118 
HIS HA   H N N 119 
HIS HB2  H N N 120 
HIS HB3  H N N 121 
HIS HD1  H N N 122 
HIS HD2  H N N 123 
HIS HE1  H N N 124 
HIS HE2  H N N 125 
HIS HXT  H N N 126 
HOH O    O N N 127 
HOH H1   H N N 128 
HOH H2   H N N 129 
ILE N    N N N 130 
ILE CA   C N S 131 
ILE C    C N N 132 
ILE O    O N N 133 
ILE CB   C N S 134 
ILE CG1  C N N 135 
ILE CG2  C N N 136 
ILE CD1  C N N 137 
ILE OXT  O N N 138 
ILE H    H N N 139 
ILE H2   H N N 140 
ILE HA   H N N 141 
ILE HB   H N N 142 
ILE HG12 H N N 143 
ILE HG13 H N N 144 
ILE HG21 H N N 145 
ILE HG22 H N N 146 
ILE HG23 H N N 147 
ILE HD11 H N N 148 
ILE HD12 H N N 149 
ILE HD13 H N N 150 
ILE HXT  H N N 151 
LEU N    N N N 152 
LEU CA   C N S 153 
LEU C    C N N 154 
LEU O    O N N 155 
LEU CB   C N N 156 
LEU CG   C N N 157 
LEU CD1  C N N 158 
LEU CD2  C N N 159 
LEU OXT  O N N 160 
LEU H    H N N 161 
LEU H2   H N N 162 
LEU HA   H N N 163 
LEU HB2  H N N 164 
LEU HB3  H N N 165 
LEU HG   H N N 166 
LEU HD11 H N N 167 
LEU HD12 H N N 168 
LEU HD13 H N N 169 
LEU HD21 H N N 170 
LEU HD22 H N N 171 
LEU HD23 H N N 172 
LEU HXT  H N N 173 
LYS N    N N N 174 
LYS CA   C N S 175 
LYS C    C N N 176 
LYS O    O N N 177 
LYS CB   C N N 178 
LYS CG   C N N 179 
LYS CD   C N N 180 
LYS CE   C N N 181 
LYS NZ   N N N 182 
LYS OXT  O N N 183 
LYS H    H N N 184 
LYS H2   H N N 185 
LYS HA   H N N 186 
LYS HB2  H N N 187 
LYS HB3  H N N 188 
LYS HG2  H N N 189 
LYS HG3  H N N 190 
LYS HD2  H N N 191 
LYS HD3  H N N 192 
LYS HE2  H N N 193 
LYS HE3  H N N 194 
LYS HZ1  H N N 195 
LYS HZ2  H N N 196 
LYS HZ3  H N N 197 
LYS HXT  H N N 198 
PHE N    N N N 199 
PHE CA   C N S 200 
PHE C    C N N 201 
PHE O    O N N 202 
PHE CB   C N N 203 
PHE CG   C Y N 204 
PHE CD1  C Y N 205 
PHE CD2  C Y N 206 
PHE CE1  C Y N 207 
PHE CE2  C Y N 208 
PHE CZ   C Y N 209 
PHE OXT  O N N 210 
PHE H    H N N 211 
PHE H2   H N N 212 
PHE HA   H N N 213 
PHE HB2  H N N 214 
PHE HB3  H N N 215 
PHE HD1  H N N 216 
PHE HD2  H N N 217 
PHE HE1  H N N 218 
PHE HE2  H N N 219 
PHE HZ   H N N 220 
PHE HXT  H N N 221 
PRO N    N N N 222 
PRO CA   C N S 223 
PRO C    C N N 224 
PRO O    O N N 225 
PRO CB   C N N 226 
PRO CG   C N N 227 
PRO CD   C N N 228 
PRO OXT  O N N 229 
PRO H    H N N 230 
PRO HA   H N N 231 
PRO HB2  H N N 232 
PRO HB3  H N N 233 
PRO HG2  H N N 234 
PRO HG3  H N N 235 
PRO HD2  H N N 236 
PRO HD3  H N N 237 
PRO HXT  H N N 238 
SER N    N N N 239 
SER CA   C N S 240 
SER C    C N N 241 
SER O    O N N 242 
SER CB   C N N 243 
SER OG   O N N 244 
SER OXT  O N N 245 
SER H    H N N 246 
SER H2   H N N 247 
SER HA   H N N 248 
SER HB2  H N N 249 
SER HB3  H N N 250 
SER HG   H N N 251 
SER HXT  H N N 252 
THR N    N N N 253 
THR CA   C N S 254 
THR C    C N N 255 
THR O    O N N 256 
THR CB   C N R 257 
THR OG1  O N N 258 
THR CG2  C N N 259 
THR OXT  O N N 260 
THR H    H N N 261 
THR H2   H N N 262 
THR HA   H N N 263 
THR HB   H N N 264 
THR HG1  H N N 265 
THR HG21 H N N 266 
THR HG22 H N N 267 
THR HG23 H N N 268 
THR HXT  H N N 269 
TYR N    N N N 270 
TYR CA   C N S 271 
TYR C    C N N 272 
TYR O    O N N 273 
TYR CB   C N N 274 
TYR CG   C Y N 275 
TYR CD1  C Y N 276 
TYR CD2  C Y N 277 
TYR CE1  C Y N 278 
TYR CE2  C Y N 279 
TYR CZ   C Y N 280 
TYR OH   O N N 281 
TYR OXT  O N N 282 
TYR H    H N N 283 
TYR H2   H N N 284 
TYR HA   H N N 285 
TYR HB2  H N N 286 
TYR HB3  H N N 287 
TYR HD1  H N N 288 
TYR HD2  H N N 289 
TYR HE1  H N N 290 
TYR HE2  H N N 291 
TYR HH   H N N 292 
TYR HXT  H N N 293 
VAL N    N N N 294 
VAL CA   C N S 295 
VAL C    C N N 296 
VAL O    O N N 297 
VAL CB   C N N 298 
VAL CG1  C N N 299 
VAL CG2  C N N 300 
VAL OXT  O N N 301 
VAL H    H N N 302 
VAL H2   H N N 303 
VAL HA   H N N 304 
VAL HB   H N N 305 
VAL HG11 H N N 306 
VAL HG12 H N N 307 
VAL HG13 H N N 308 
VAL HG21 H N N 309 
VAL HG22 H N N 310 
VAL HG23 H N N 311 
VAL HXT  H N N 312 
# 
loop_
_chem_comp_bond.comp_id 
_chem_comp_bond.atom_id_1 
_chem_comp_bond.atom_id_2 
_chem_comp_bond.value_order 
_chem_comp_bond.pdbx_aromatic_flag 
_chem_comp_bond.pdbx_stereo_config 
_chem_comp_bond.pdbx_ordinal 
ALA N   CA   sing N N 1   
ALA N   H    sing N N 2   
ALA N   H2   sing N N 3   
ALA CA  C    sing N N 4   
ALA CA  CB   sing N N 5   
ALA CA  HA   sing N N 6   
ALA C   O    doub N N 7   
ALA C   OXT  sing N N 8   
ALA CB  HB1  sing N N 9   
ALA CB  HB2  sing N N 10  
ALA CB  HB3  sing N N 11  
ALA OXT HXT  sing N N 12  
ARG N   CA   sing N N 13  
ARG N   H    sing N N 14  
ARG N   H2   sing N N 15  
ARG CA  C    sing N N 16  
ARG CA  CB   sing N N 17  
ARG CA  HA   sing N N 18  
ARG C   O    doub N N 19  
ARG C   OXT  sing N N 20  
ARG CB  CG   sing N N 21  
ARG CB  HB2  sing N N 22  
ARG CB  HB3  sing N N 23  
ARG CG  CD   sing N N 24  
ARG CG  HG2  sing N N 25  
ARG CG  HG3  sing N N 26  
ARG CD  NE   sing N N 27  
ARG CD  HD2  sing N N 28  
ARG CD  HD3  sing N N 29  
ARG NE  CZ   sing N N 30  
ARG NE  HE   sing N N 31  
ARG CZ  NH1  sing N N 32  
ARG CZ  NH2  doub N N 33  
ARG NH1 HH11 sing N N 34  
ARG NH1 HH12 sing N N 35  
ARG NH2 HH21 sing N N 36  
ARG NH2 HH22 sing N N 37  
ARG OXT HXT  sing N N 38  
ASP N   CA   sing N N 39  
ASP N   H    sing N N 40  
ASP N   H2   sing N N 41  
ASP CA  C    sing N N 42  
ASP CA  CB   sing N N 43  
ASP CA  HA   sing N N 44  
ASP C   O    doub N N 45  
ASP C   OXT  sing N N 46  
ASP CB  CG   sing N N 47  
ASP CB  HB2  sing N N 48  
ASP CB  HB3  sing N N 49  
ASP CG  OD1  doub N N 50  
ASP CG  OD2  sing N N 51  
ASP OD2 HD2  sing N N 52  
ASP OXT HXT  sing N N 53  
GLN N   CA   sing N N 54  
GLN N   H    sing N N 55  
GLN N   H2   sing N N 56  
GLN CA  C    sing N N 57  
GLN CA  CB   sing N N 58  
GLN CA  HA   sing N N 59  
GLN C   O    doub N N 60  
GLN C   OXT  sing N N 61  
GLN CB  CG   sing N N 62  
GLN CB  HB2  sing N N 63  
GLN CB  HB3  sing N N 64  
GLN CG  CD   sing N N 65  
GLN CG  HG2  sing N N 66  
GLN CG  HG3  sing N N 67  
GLN CD  OE1  doub N N 68  
GLN CD  NE2  sing N N 69  
GLN NE2 HE21 sing N N 70  
GLN NE2 HE22 sing N N 71  
GLN OXT HXT  sing N N 72  
GLU N   CA   sing N N 73  
GLU N   H    sing N N 74  
GLU N   H2   sing N N 75  
GLU CA  C    sing N N 76  
GLU CA  CB   sing N N 77  
GLU CA  HA   sing N N 78  
GLU C   O    doub N N 79  
GLU C   OXT  sing N N 80  
GLU CB  CG   sing N N 81  
GLU CB  HB2  sing N N 82  
GLU CB  HB3  sing N N 83  
GLU CG  CD   sing N N 84  
GLU CG  HG2  sing N N 85  
GLU CG  HG3  sing N N 86  
GLU CD  OE1  doub N N 87  
GLU CD  OE2  sing N N 88  
GLU OE2 HE2  sing N N 89  
GLU OXT HXT  sing N N 90  
GLY N   CA   sing N N 91  
GLY N   H    sing N N 92  
GLY N   H2   sing N N 93  
GLY CA  C    sing N N 94  
GLY CA  HA2  sing N N 95  
GLY CA  HA3  sing N N 96  
GLY C   O    doub N N 97  
GLY C   OXT  sing N N 98  
GLY OXT HXT  sing N N 99  
HIS N   CA   sing N N 100 
HIS N   H    sing N N 101 
HIS N   H2   sing N N 102 
HIS CA  C    sing N N 103 
HIS CA  CB   sing N N 104 
HIS CA  HA   sing N N 105 
HIS C   O    doub N N 106 
HIS C   OXT  sing N N 107 
HIS CB  CG   sing N N 108 
HIS CB  HB2  sing N N 109 
HIS CB  HB3  sing N N 110 
HIS CG  ND1  sing Y N 111 
HIS CG  CD2  doub Y N 112 
HIS ND1 CE1  doub Y N 113 
HIS ND1 HD1  sing N N 114 
HIS CD2 NE2  sing Y N 115 
HIS CD2 HD2  sing N N 116 
HIS CE1 NE2  sing Y N 117 
HIS CE1 HE1  sing N N 118 
HIS NE2 HE2  sing N N 119 
HIS OXT HXT  sing N N 120 
HOH O   H1   sing N N 121 
HOH O   H2   sing N N 122 
ILE N   CA   sing N N 123 
ILE N   H    sing N N 124 
ILE N   H2   sing N N 125 
ILE CA  C    sing N N 126 
ILE CA  CB   sing N N 127 
ILE CA  HA   sing N N 128 
ILE C   O    doub N N 129 
ILE C   OXT  sing N N 130 
ILE CB  CG1  sing N N 131 
ILE CB  CG2  sing N N 132 
ILE CB  HB   sing N N 133 
ILE CG1 CD1  sing N N 134 
ILE CG1 HG12 sing N N 135 
ILE CG1 HG13 sing N N 136 
ILE CG2 HG21 sing N N 137 
ILE CG2 HG22 sing N N 138 
ILE CG2 HG23 sing N N 139 
ILE CD1 HD11 sing N N 140 
ILE CD1 HD12 sing N N 141 
ILE CD1 HD13 sing N N 142 
ILE OXT HXT  sing N N 143 
LEU N   CA   sing N N 144 
LEU N   H    sing N N 145 
LEU N   H2   sing N N 146 
LEU CA  C    sing N N 147 
LEU CA  CB   sing N N 148 
LEU CA  HA   sing N N 149 
LEU C   O    doub N N 150 
LEU C   OXT  sing N N 151 
LEU CB  CG   sing N N 152 
LEU CB  HB2  sing N N 153 
LEU CB  HB3  sing N N 154 
LEU CG  CD1  sing N N 155 
LEU CG  CD2  sing N N 156 
LEU CG  HG   sing N N 157 
LEU CD1 HD11 sing N N 158 
LEU CD1 HD12 sing N N 159 
LEU CD1 HD13 sing N N 160 
LEU CD2 HD21 sing N N 161 
LEU CD2 HD22 sing N N 162 
LEU CD2 HD23 sing N N 163 
LEU OXT HXT  sing N N 164 
LYS N   CA   sing N N 165 
LYS N   H    sing N N 166 
LYS N   H2   sing N N 167 
LYS CA  C    sing N N 168 
LYS CA  CB   sing N N 169 
LYS CA  HA   sing N N 170 
LYS C   O    doub N N 171 
LYS C   OXT  sing N N 172 
LYS CB  CG   sing N N 173 
LYS CB  HB2  sing N N 174 
LYS CB  HB3  sing N N 175 
LYS CG  CD   sing N N 176 
LYS CG  HG2  sing N N 177 
LYS CG  HG3  sing N N 178 
LYS CD  CE   sing N N 179 
LYS CD  HD2  sing N N 180 
LYS CD  HD3  sing N N 181 
LYS CE  NZ   sing N N 182 
LYS CE  HE2  sing N N 183 
LYS CE  HE3  sing N N 184 
LYS NZ  HZ1  sing N N 185 
LYS NZ  HZ2  sing N N 186 
LYS NZ  HZ3  sing N N 187 
LYS OXT HXT  sing N N 188 
PHE N   CA   sing N N 189 
PHE N   H    sing N N 190 
PHE N   H2   sing N N 191 
PHE CA  C    sing N N 192 
PHE CA  CB   sing N N 193 
PHE CA  HA   sing N N 194 
PHE C   O    doub N N 195 
PHE C   OXT  sing N N 196 
PHE CB  CG   sing N N 197 
PHE CB  HB2  sing N N 198 
PHE CB  HB3  sing N N 199 
PHE CG  CD1  doub Y N 200 
PHE CG  CD2  sing Y N 201 
PHE CD1 CE1  sing Y N 202 
PHE CD1 HD1  sing N N 203 
PHE CD2 CE2  doub Y N 204 
PHE CD2 HD2  sing N N 205 
PHE CE1 CZ   doub Y N 206 
PHE CE1 HE1  sing N N 207 
PHE CE2 CZ   sing Y N 208 
PHE CE2 HE2  sing N N 209 
PHE CZ  HZ   sing N N 210 
PHE OXT HXT  sing N N 211 
PRO N   CA   sing N N 212 
PRO N   CD   sing N N 213 
PRO N   H    sing N N 214 
PRO CA  C    sing N N 215 
PRO CA  CB   sing N N 216 
PRO CA  HA   sing N N 217 
PRO C   O    doub N N 218 
PRO C   OXT  sing N N 219 
PRO CB  CG   sing N N 220 
PRO CB  HB2  sing N N 221 
PRO CB  HB3  sing N N 222 
PRO CG  CD   sing N N 223 
PRO CG  HG2  sing N N 224 
PRO CG  HG3  sing N N 225 
PRO CD  HD2  sing N N 226 
PRO CD  HD3  sing N N 227 
PRO OXT HXT  sing N N 228 
SER N   CA   sing N N 229 
SER N   H    sing N N 230 
SER N   H2   sing N N 231 
SER CA  C    sing N N 232 
SER CA  CB   sing N N 233 
SER CA  HA   sing N N 234 
SER C   O    doub N N 235 
SER C   OXT  sing N N 236 
SER CB  OG   sing N N 237 
SER CB  HB2  sing N N 238 
SER CB  HB3  sing N N 239 
SER OG  HG   sing N N 240 
SER OXT HXT  sing N N 241 
THR N   CA   sing N N 242 
THR N   H    sing N N 243 
THR N   H2   sing N N 244 
THR CA  C    sing N N 245 
THR CA  CB   sing N N 246 
THR CA  HA   sing N N 247 
THR C   O    doub N N 248 
THR C   OXT  sing N N 249 
THR CB  OG1  sing N N 250 
THR CB  CG2  sing N N 251 
THR CB  HB   sing N N 252 
THR OG1 HG1  sing N N 253 
THR CG2 HG21 sing N N 254 
THR CG2 HG22 sing N N 255 
THR CG2 HG23 sing N N 256 
THR OXT HXT  sing N N 257 
TYR N   CA   sing N N 258 
TYR N   H    sing N N 259 
TYR N   H2   sing N N 260 
TYR CA  C    sing N N 261 
TYR CA  CB   sing N N 262 
TYR CA  HA   sing N N 263 
TYR C   O    doub N N 264 
TYR C   OXT  sing N N 265 
TYR CB  CG   sing N N 266 
TYR CB  HB2  sing N N 267 
TYR CB  HB3  sing N N 268 
TYR CG  CD1  doub Y N 269 
TYR CG  CD2  sing Y N 270 
TYR CD1 CE1  sing Y N 271 
TYR CD1 HD1  sing N N 272 
TYR CD2 CE2  doub Y N 273 
TYR CD2 HD2  sing N N 274 
TYR CE1 CZ   doub Y N 275 
TYR CE1 HE1  sing N N 276 
TYR CE2 CZ   sing Y N 277 
TYR CE2 HE2  sing N N 278 
TYR CZ  OH   sing N N 279 
TYR OH  HH   sing N N 280 
TYR OXT HXT  sing N N 281 
VAL N   CA   sing N N 282 
VAL N   H    sing N N 283 
VAL N   H2   sing N N 284 
VAL CA  C    sing N N 285 
VAL CA  CB   sing N N 286 
VAL CA  HA   sing N N 287 
VAL C   O    doub N N 288 
VAL C   OXT  sing N N 289 
VAL CB  CG1  sing N N 290 
VAL CB  CG2  sing N N 291 
VAL CB  HB   sing N N 292 
VAL CG1 HG11 sing N N 293 
VAL CG1 HG12 sing N N 294 
VAL CG1 HG13 sing N N 295 
VAL CG2 HG21 sing N N 296 
VAL CG2 HG22 sing N N 297 
VAL CG2 HG23 sing N N 298 
VAL OXT HXT  sing N N 299 
# 
_atom_sites.entry_id                    3JQH 
_atom_sites.fract_transf_matrix[1][1]   0.00249511 
_atom_sites.fract_transf_matrix[1][2]   0.00312897 
_atom_sites.fract_transf_matrix[1][3]   -0.02899209 
_atom_sites.fract_transf_matrix[2][1]   -0.02505366 
_atom_sites.fract_transf_matrix[2][2]   0.01511940 
_atom_sites.fract_transf_matrix[2][3]   -0.00052440 
_atom_sites.fract_transf_matrix[3][1]   0.01388482 
_atom_sites.fract_transf_matrix[3][2]   0.02313595 
_atom_sites.fract_transf_matrix[3][3]   0.00369190 
_atom_sites.fract_transf_vector[1]      0.198274 
_atom_sites.fract_transf_vector[2]      0.441702 
_atom_sites.fract_transf_vector[3]      0.991115 
# 
loop_
_atom_type.symbol 
C 
N 
O 
# 
loop_
_atom_site.group_PDB 
_atom_site.id 
_atom_site.type_symbol 
_atom_site.label_atom_id 
_atom_site.label_alt_id 
_atom_site.label_comp_id 
_atom_site.label_asym_id 
_atom_site.label_entity_id 
_atom_site.label_seq_id 
_atom_site.pdbx_PDB_ins_code 
_atom_site.Cartn_x 
_atom_site.Cartn_y 
_atom_site.Cartn_z 
_atom_site.occupancy 
_atom_site.B_iso_or_equiv 
_atom_site.pdbx_formal_charge 
_atom_site.auth_seq_id 
_atom_site.auth_comp_id 
_atom_site.auth_asym_id 
_atom_site.auth_atom_id 
_atom_site.pdbx_PDB_model_num 
ATOM   1   N N   A PRO A 1 4  ? -13.841 -11.069 1.144  0.83 56.23  ? 1   PRO A N   1 
ATOM   2   C CA  A PRO A 1 4  ? -12.594 -10.357 0.856  0.83 65.19  ? 1   PRO A CA  1 
ATOM   3   C C   A PRO A 1 4  ? -11.695 -11.137 -0.113 0.83 68.81  ? 1   PRO A C   1 
ATOM   4   O O   A PRO A 1 4  ? -11.447 -12.323 0.126  0.83 62.06  ? 1   PRO A O   1 
ATOM   5   C CB  A PRO A 1 4  ? -11.939 -10.267 2.233  0.83 60.62  ? 1   PRO A CB  1 
ATOM   6   C CG  A PRO A 1 4  ? -13.087 -10.236 3.175  0.83 52.80  ? 1   PRO A CG  1 
ATOM   7   C CD  A PRO A 1 4  ? -14.118 -11.133 2.590  0.83 51.84  ? 1   PRO A CD  1 
ATOM   8   N N   B SER A 1 4  ? -13.793 -11.095 1.121  0.17 56.57  ? 1   SER A N   1 
ATOM   9   C CA  B SER A 1 4  ? -12.576 -10.349 0.832  0.17 64.89  ? 1   SER A CA  1 
ATOM   10  C C   B SER A 1 4  ? -11.658 -11.132 -0.103 0.17 68.25  ? 1   SER A C   1 
ATOM   11  O O   B SER A 1 4  ? -11.359 -12.302 0.140  0.17 62.08  ? 1   SER A O   1 
ATOM   12  C CB  B SER A 1 4  ? -11.846 -10.014 2.131  0.17 60.79  ? 1   SER A CB  1 
ATOM   13  O OG  B SER A 1 4  ? -12.730 -9.410  3.059  0.17 58.19  ? 1   SER A OG  1 
ATOM   14  N N   . GLU A 1 5  ? -11.218 -10.479 -1.176 1.00 64.84  ? 2   GLU A N   1 
ATOM   15  C CA  . GLU A 1 5  ? -10.346 -11.119 -2.178 1.00 60.65  ? 2   GLU A CA  1 
ATOM   16  C C   . GLU A 1 5  ? -8.888  -10.677 -2.122 1.00 61.35  ? 2   GLU A C   1 
ATOM   17  O O   . GLU A 1 5  ? -8.559  -9.599  -1.603 1.00 61.06  ? 2   GLU A O   1 
ATOM   18  C CB  . GLU A 1 5  ? -10.867 -10.878 -3.595 1.00 65.78  ? 2   GLU A CB  1 
ATOM   19  C CG  . GLU A 1 5  ? -12.255 -11.424 -3.845 1.00 87.19  ? 2   GLU A CG  1 
ATOM   20  C CD  . GLU A 1 5  ? -12.871 -10.880 -5.119 1.00 97.22  ? 2   GLU A CD  1 
ATOM   21  O OE1 . GLU A 1 5  ? -12.201 -10.075 -5.803 1.00 106.51 ? 2   GLU A OE1 1 
ATOM   22  O OE2 . GLU A 1 5  ? -14.024 -11.253 -5.431 1.00 121.60 ? 2   GLU A OE2 1 
ATOM   23  N N   . LYS A 1 6  ? -8.022  -11.524 -2.676 1.00 60.70  ? 3   LYS A N   1 
ATOM   24  C CA  A LYS A 1 6  ? -6.583  -11.273 -2.697 0.50 60.74  ? 3   LYS A CA  1 
ATOM   25  C CA  B LYS A 1 6  ? -6.583  -11.273 -2.691 0.50 60.74  ? 3   LYS A CA  1 
ATOM   26  C C   . LYS A 1 6  ? -6.218  -9.881  -3.225 1.00 66.77  ? 3   LYS A C   1 
ATOM   27  O O   . LYS A 1 6  ? -5.354  -9.192  -2.665 1.00 59.94  ? 3   LYS A O   1 
ATOM   28  C CB  A LYS A 1 6  ? -5.872  -12.341 -3.539 0.50 58.21  ? 3   LYS A CB  1 
ATOM   29  C CB  B LYS A 1 6  ? -5.868  -12.348 -3.519 0.50 58.22  ? 3   LYS A CB  1 
ATOM   30  C CG  A LYS A 1 6  ? -5.344  -13.525 -2.747 0.50 60.30  ? 3   LYS A CG  1 
ATOM   31  C CG  B LYS A 1 6  ? -5.666  -13.672 -2.798 0.50 60.56  ? 3   LYS A CG  1 
ATOM   32  C CD  A LYS A 1 6  ? -4.303  -14.284 -3.556 0.50 56.61  ? 3   LYS A CD  1 
ATOM   33  C CD  B LYS A 1 6  ? -4.809  -14.611 -3.632 0.50 57.10  ? 3   LYS A CD  1 
ATOM   34  C CE  A LYS A 1 6  ? -3.339  -15.015 -2.654 0.50 50.44  ? 3   LYS A CE  1 
ATOM   35  C CE  B LYS A 1 6  ? -4.289  -15.765 -2.806 0.50 54.84  ? 3   LYS A CE  1 
ATOM   36  N NZ  A LYS A 1 6  ? -2.120  -15.445 -3.397 0.50 63.46  ? 3   LYS A NZ  1 
ATOM   37  N NZ  B LYS A 1 6  ? -3.545  -16.747 -3.645 0.50 65.48  ? 3   LYS A NZ  1 
ATOM   38  N N   . SER A 1 7  ? -6.863  -9.472  -4.318 1.00 58.50  ? 4   SER A N   1 
ATOM   39  C CA  . SER A 1 7  ? -6.541  -8.198  -4.945 1.00 62.03  ? 4   SER A CA  1 
ATOM   40  C C   . SER A 1 7  ? -6.776  -7.005  -4.012 1.00 66.48  ? 4   SER A C   1 
ATOM   41  O O   . SER A 1 7  ? -6.224  -5.927  -4.226 1.00 61.61  ? 4   SER A O   1 
ATOM   42  C CB  . SER A 1 7  ? -7.355  -8.033  -6.217 1.00 62.28  ? 4   SER A CB  1 
ATOM   43  O OG  . SER A 1 7  ? -8.731  -8.201  -5.933 1.00 72.21  ? 4   SER A OG  1 
ATOM   44  N N   . LYS A 1 8  ? -7.585  -7.194  -2.973 1.00 64.85  ? 5   LYS A N   1 
ATOM   45  C CA  . LYS A 1 8  ? -7.877  -6.097  -2.059 1.00 60.28  ? 5   LYS A CA  1 
ATOM   46  C C   . LYS A 1 8  ? -6.700  -5.863  -1.140 1.00 62.52  ? 5   LYS A C   1 
ATOM   47  O O   . LYS A 1 8  ? -6.256  -4.728  -0.969 1.00 59.76  ? 5   LYS A O   1 
ATOM   48  C CB  . LYS A 1 8  ? -9.120  -6.383  -1.221 1.00 66.85  ? 5   LYS A CB  1 
ATOM   49  C CG  . LYS A 1 8  ? -9.592  -5.169  -0.439 1.00 57.88  ? 5   LYS A CG  1 
ATOM   50  C CD  . LYS A 1 8  ? -9.939  -4.057  -1.415 1.00 65.85  ? 5   LYS A CD  1 
ATOM   51  C CE  . LYS A 1 8  ? -10.101 -2.721  -0.725 1.00 73.18  ? 5   LYS A CE  1 
ATOM   52  N NZ  . LYS A 1 8  ? -10.921 -1.801  -1.576 1.00 89.21  ? 5   LYS A NZ  1 
ATOM   53  N N   . LEU A 1 9  ? -6.195  -6.940  -0.545 1.00 63.55  ? 6   LEU A N   1 
ATOM   54  C CA  . LEU A 1 9  ? -5.047  -6.829  0.349  1.00 56.73  ? 6   LEU A CA  1 
ATOM   55  C C   . LEU A 1 9  ? -3.793  -6.337  -0.385 1.00 64.90  ? 6   LEU A C   1 
ATOM   56  O O   . LEU A 1 9  ? -2.948  -5.655  0.204  1.00 65.09  ? 6   LEU A O   1 
ATOM   57  C CB  . LEU A 1 9  ? -4.769  -8.166  1.024  1.00 57.89  ? 6   LEU A CB  1 
ATOM   58  C CG  . LEU A 1 9  ? -5.810  -8.668  2.010  1.00 58.03  ? 6   LEU A CG  1 
ATOM   59  C CD1 . LEU A 1 9  ? -5.209  -9.827  2.778  1.00 72.92  ? 6   LEU A CD1 1 
ATOM   60  C CD2 . LEU A 1 9  ? -6.194  -7.557  2.959  1.00 75.05  ? 6   LEU A CD2 1 
ATOM   61  N N   . GLN A 1 10 ? -3.668  -6.687  -1.665 1.00 59.62  ? 7   GLN A N   1 
ATOM   62  C CA  . GLN A 1 10 ? -2.558  -6.190  -2.484 1.00 66.51  ? 7   GLN A CA  1 
ATOM   63  C C   . GLN A 1 10 ? -2.628  -4.668  -2.644 1.00 63.77  ? 7   GLN A C   1 
ATOM   64  O O   . GLN A 1 10 ? -1.626  -3.947  -2.546 1.00 58.81  ? 7   GLN A O   1 
ATOM   65  C CB  . GLN A 1 10 ? -2.574  -6.864  -3.862 1.00 51.17  ? 7   GLN A CB  1 
ATOM   66  C CG  . GLN A 1 10 ? -2.322  -8.353  -3.810 1.00 68.40  ? 7   GLN A CG  1 
ATOM   67  C CD  . GLN A 1 10 ? -2.680  -9.067  -5.110 1.00 77.52  ? 7   GLN A CD  1 
ATOM   68  O OE1 . GLN A 1 10 ? -3.054  -8.433  -6.106 1.00 70.37  ? 7   GLN A OE1 1 
ATOM   69  N NE2 . GLN A 1 10 ? -2.568  -10.397 -5.103 1.00 62.05  ? 7   GLN A NE2 1 
ATOM   70  N N   . GLU A 1 11 ? -3.828  -4.182  -2.912 1.00 58.42  ? 8   GLU A N   1 
ATOM   71  C CA  . GLU A 1 11 ? -4.048  -2.761  -3.107 1.00 57.38  ? 8   GLU A CA  1 
ATOM   72  C C   . GLU A 1 11 ? -3.784  -2.025  -1.788 1.00 55.25  ? 8   GLU A C   1 
ATOM   73  O O   . GLU A 1 11 ? -3.220  -0.926  -1.768 1.00 58.19  ? 8   GLU A O   1 
ATOM   74  C CB  . GLU A 1 11 ? -5.473  -2.563  -3.633 1.00 62.99  ? 8   GLU A CB  1 
ATOM   75  C CG  . GLU A 1 11 ? -6.124  -1.213  -3.438 1.00 81.81  ? 8   GLU A CG  1 
ATOM   76  C CD  . GLU A 1 11 ? -7.621  -1.273  -3.779 1.00 108.77 ? 8   GLU A CD  1 
ATOM   77  O OE1 . GLU A 1 11 ? -8.405  -0.430  -3.282 1.00 85.23  ? 8   GLU A OE1 1 
ATOM   78  O OE2 . GLU A 1 11 ? -8.014  -2.188  -4.538 1.00 112.66 ? 8   GLU A OE2 1 
ATOM   79  N N   . ILE A 1 12 ? -4.167  -2.641  -0.679 1.00 59.80  ? 9   ILE A N   1 
ATOM   80  C CA  . ILE A 1 12 ? -3.836  -2.092  0.634  1.00 60.58  ? 9   ILE A CA  1 
ATOM   81  C C   . ILE A 1 12 ? -2.315  -2.079  0.838  1.00 64.36  ? 9   ILE A C   1 
ATOM   82  O O   . ILE A 1 12 ? -1.735  -1.051  1.217  1.00 54.72  ? 9   ILE A O   1 
ATOM   83  C CB  . ILE A 1 12 ? -4.546  -2.873  1.767  1.00 62.26  ? 9   ILE A CB  1 
ATOM   84  C CG1 . ILE A 1 12 ? -6.019  -2.467  1.838  1.00 54.97  ? 9   ILE A CG1 1 
ATOM   85  C CG2 . ILE A 1 12 ? -3.865  -2.640  3.123  1.00 54.11  ? 9   ILE A CG2 1 
ATOM   86  C CD1 . ILE A 1 12 ? -6.863  -3.361  2.742  1.00 54.18  ? 9   ILE A CD1 1 
ATOM   87  N N   . TYR A 1 13 ? -1.665  -3.208  0.560  1.00 58.94  ? 10  TYR A N   1 
ATOM   88  C CA  . TYR A 1 13 ? -0.210  -3.287  0.705  1.00 57.24  ? 10  TYR A CA  1 
ATOM   89  C C   . TYR A 1 13 ? 0.516   -2.251  -0.157 1.00 61.06  ? 10  TYR A C   1 
ATOM   90  O O   . TYR A 1 13 ? 1.494   -1.635  0.279  1.00 64.42  ? 10  TYR A O   1 
ATOM   91  C CB  . TYR A 1 13 ? 0.314   -4.691  0.379  1.00 67.91  ? 10  TYR A CB  1 
ATOM   92  C CG  . TYR A 1 13 ? 1.806   -4.831  0.627  1.00 67.90  ? 10  TYR A CG  1 
ATOM   93  C CD1 . TYR A 1 13 ? 2.310   -4.943  1.926  1.00 70.77  ? 10  TYR A CD1 1 
ATOM   94  C CD2 . TYR A 1 13 ? 2.712   -4.830  -0.429 1.00 67.14  ? 10  TYR A CD2 1 
ATOM   95  C CE1 . TYR A 1 13 ? 3.669   -5.060  2.165  1.00 64.84  ? 10  TYR A CE1 1 
ATOM   96  C CE2 . TYR A 1 13 ? 4.081   -4.952  -0.203 1.00 74.27  ? 10  TYR A CE2 1 
ATOM   97  C CZ  . TYR A 1 13 ? 4.553   -5.064  1.096  1.00 80.43  ? 10  TYR A CZ  1 
ATOM   98  O OH  . TYR A 1 13 ? 5.907   -5.181  1.326  1.00 66.46  ? 10  TYR A OH  1 
ATOM   99  N N   . GLN A 1 14 ? 0.023   -2.062  -1.376 1.00 59.91  ? 11  GLN A N   1 
ATOM   100 C CA  . GLN A 1 14 ? 0.604   -1.128  -2.337 1.00 65.49  ? 11  GLN A CA  1 
ATOM   101 C C   . GLN A 1 14 ? 0.486   0.348   -1.897 1.00 61.85  ? 11  GLN A C   1 
ATOM   102 O O   . GLN A 1 14 ? 1.418   1.134   -2.089 1.00 66.63  ? 11  GLN A O   1 
ATOM   103 C CB  . GLN A 1 14 ? -0.049  -1.347  -3.704 1.00 67.68  ? 11  GLN A CB  1 
ATOM   104 C CG  . GLN A 1 14 ? 0.732   -0.815  -4.889 1.00 88.73  ? 11  GLN A CG  1 
ATOM   105 C CD  . GLN A 1 14 ? 1.752   -1.810  -5.406 1.00 99.86  ? 11  GLN A CD  1 
ATOM   106 O OE1 A GLN A 1 14 ? 2.275   -1.664  -6.519 0.50 81.77  ? 11  GLN A OE1 1 
ATOM   107 O OE1 B GLN A 1 14 ? 2.039   -2.817  -4.752 0.50 81.33  ? 11  GLN A OE1 1 
ATOM   108 N NE2 A GLN A 1 14 ? 2.043   -2.830  -4.601 0.50 80.96  ? 11  GLN A NE2 1 
ATOM   109 N NE2 B GLN A 1 14 ? 2.303   -1.537  -6.589 0.50 81.47  ? 11  GLN A NE2 1 
ATOM   110 N N   . GLU A 1 15 ? -0.656  0.714   -1.314 1.00 61.08  ? 12  GLU A N   1 
ATOM   111 C CA  . GLU A 1 15 ? -0.838  2.021   -0.677 1.00 57.59  ? 12  GLU A CA  1 
ATOM   112 C C   . GLU A 1 15 ? 0.153   2.264   0.458  1.00 53.70  ? 12  GLU A C   1 
ATOM   113 O O   . GLU A 1 15 ? 0.733   3.342   0.567  1.00 61.85  ? 12  GLU A O   1 
ATOM   114 C CB  . GLU A 1 15 ? -2.258  2.154   -0.115 1.00 57.39  ? 12  GLU A CB  1 
ATOM   115 C CG  . GLU A 1 15 ? -3.295  2.554   -1.137 1.00 74.48  ? 12  GLU A CG  1 
ATOM   116 C CD  . GLU A 1 15 ? -3.050  3.944   -1.692 1.00 86.02  ? 12  GLU A CD  1 
ATOM   117 O OE1 . GLU A 1 15 ? -2.816  4.876   -0.888 1.00 97.61  ? 12  GLU A OE1 1 
ATOM   118 O OE2 . GLU A 1 15 ? -3.090  4.102   -2.932 1.00 98.30  ? 12  GLU A OE2 1 
ATOM   119 N N   . LEU A 1 16 ? 0.317   1.276   1.330  1.00 57.19  ? 13  LEU A N   1 
ATOM   120 C CA  . LEU A 1 16 ? 1.276   1.383   2.429  1.00 58.22  ? 13  LEU A CA  1 
ATOM   121 C C   . LEU A 1 16 ? 2.669   1.691   1.913  1.00 59.01  ? 13  LEU A C   1 
ATOM   122 O O   . LEU A 1 16 ? 3.363   2.556   2.445  1.00 67.98  ? 13  LEU A O   1 
ATOM   123 C CB  . LEU A 1 16 ? 1.343   0.072   3.192  1.00 63.62  ? 13  LEU A CB  1 
ATOM   124 C CG  . LEU A 1 16 ? 0.596   -0.038  4.500  1.00 71.05  ? 13  LEU A CG  1 
ATOM   125 C CD1 . LEU A 1 16 ? 1.035   -1.333  5.152  1.00 62.93  ? 13  LEU A CD1 1 
ATOM   126 C CD2 . LEU A 1 16 ? 0.938   1.156   5.359  1.00 79.58  ? 13  LEU A CD2 1 
ATOM   127 N N   . THR A 1 17 ? 3.085   0.931   0.904  1.00 60.33  ? 14  THR A N   1 
ATOM   128 C CA  . THR A 1 17 ? 4.346   1.164   0.199  1.00 63.44  ? 14  THR A CA  1 
ATOM   129 C C   . THR A 1 17 ? 4.517   2.637   -0.239 1.00 57.01  ? 14  THR A C   1 
ATOM   130 O O   . THR A 1 17 ? 5.552   3.254   0.029  1.00 61.15  ? 14  THR A O   1 
ATOM   131 C CB  . THR A 1 17 ? 4.473   0.210   -1.014 1.00 65.94  ? 14  THR A CB  1 
ATOM   132 O OG1 . THR A 1 17 ? 4.541   -1.143  -0.545 1.00 63.01  ? 14  THR A OG1 1 
ATOM   133 C CG2 . THR A 1 17 ? 5.726   0.515   -1.823 1.00 74.37  ? 14  THR A CG2 1 
ATOM   134 N N   A ARG A 1 18 ? 3.495   3.200   -0.879 0.50 60.53  ? 15  ARG A N   1 
ATOM   135 C CA  A ARG A 1 18 ? 3.559   4.588   -1.347 0.50 64.64  ? 15  ARG A CA  1 
ATOM   136 C C   A ARG A 1 18 ? 3.495   5.607   -0.197 0.50 65.25  ? 15  ARG A C   1 
ATOM   137 O O   A ARG A 1 18 ? 3.909   6.759   -0.347 0.50 60.65  ? 15  ARG A O   1 
ATOM   138 C CB  A ARG A 1 18 ? 2.454   4.868   -2.375 0.50 65.83  ? 15  ARG A CB  1 
ATOM   139 C CG  A ARG A 1 18 ? 2.362   3.849   -3.508 0.50 64.71  ? 15  ARG A CG  1 
ATOM   140 C CD  A ARG A 1 18 ? 1.287   4.255   -4.517 0.50 69.97  ? 15  ARG A CD  1 
ATOM   141 N NE  A ARG A 1 18 ? 0.854   3.149   -5.371 0.50 69.52  ? 15  ARG A NE  1 
ATOM   142 C CZ  A ARG A 1 18 ? -0.323  2.538   -5.267 0.50 69.32  ? 15  ARG A CZ  1 
ATOM   143 N NH1 A ARG A 1 18 ? -1.199  2.922   -4.347 0.50 55.65  ? 15  ARG A NH1 1 
ATOM   144 N NH2 A ARG A 1 18 ? -0.629  1.545   -6.090 0.50 76.31  ? 15  ARG A NH2 1 
ATOM   145 N N   B GLN A 1 18 ? 3.511   3.176   -0.922 0.33 60.56  ? 15  GLN A N   1 
ATOM   146 C CA  B GLN A 1 18 ? 3.539   4.579   -1.324 0.33 64.61  ? 15  GLN A CA  1 
ATOM   147 C C   B GLN A 1 18 ? 3.752   5.451   -0.093 0.33 64.96  ? 15  GLN A C   1 
ATOM   148 O O   B GLN A 1 18 ? 4.614   6.335   -0.079 0.33 61.27  ? 15  GLN A O   1 
ATOM   149 C CB  B GLN A 1 18 ? 2.229   4.980   -2.014 0.33 66.08  ? 15  GLN A CB  1 
ATOM   150 C CG  B GLN A 1 18 ? 1.964   4.306   -3.355 0.33 65.69  ? 15  GLN A CG  1 
ATOM   151 C CD  B GLN A 1 18 ? 0.683   4.803   -4.018 0.33 69.35  ? 15  GLN A CD  1 
ATOM   152 O OE1 B GLN A 1 18 ? -0.146  4.010   -4.467 0.33 66.62  ? 15  GLN A OE1 1 
ATOM   153 N NE2 B GLN A 1 18 ? 0.517   6.121   -4.076 0.33 67.16  ? 15  GLN A NE2 1 
ATOM   154 N N   C GLU A 1 18 ? 3.503   3.184   -0.901 0.17 60.57  ? 15  GLU A N   1 
ATOM   155 C CA  C GLU A 1 18 ? 3.540   4.576   -1.334 0.17 64.60  ? 15  GLU A CA  1 
ATOM   156 C C   C GLU A 1 18 ? 3.657   5.520   -0.138 0.17 64.89  ? 15  GLU A C   1 
ATOM   157 O O   C GLU A 1 18 ? 4.362   6.530   -0.194 0.17 61.75  ? 15  GLU A O   1 
ATOM   158 C CB  C GLU A 1 18 ? 2.295   4.918   -2.159 0.17 65.94  ? 15  GLU A CB  1 
ATOM   159 C CG  C GLU A 1 18 ? 2.217   4.196   -3.498 0.17 65.71  ? 15  GLU A CG  1 
ATOM   160 C CD  C GLU A 1 18 ? 0.930   4.490   -4.251 0.17 68.96  ? 15  GLU A CD  1 
ATOM   161 O OE1 C GLU A 1 18 ? -0.052  4.929   -3.614 0.17 67.85  ? 15  GLU A OE1 1 
ATOM   162 O OE2 C GLU A 1 18 ? 0.900   4.280   -5.483 0.17 68.13  ? 15  GLU A OE2 1 
ATOM   163 N N   . LEU A 1 19 ? 2.966   5.181   0.946  1.00 61.01  ? 16  LEU A N   1 
ATOM   164 C CA  . LEU A 1 19 ? 2.971   5.999   2.151  1.00 54.68  ? 16  LEU A CA  1 
ATOM   165 C C   . LEU A 1 19 ? 4.354   5.985   2.817  1.00 60.57  ? 16  LEU A C   1 
ATOM   166 O O   . LEU A 1 19 ? 4.861   7.022   3.276  1.00 59.72  ? 16  LEU A O   1 
ATOM   167 C CB  . LEU A 1 19 ? 1.889   5.508   3.110  1.00 54.32  ? 16  LEU A CB  1 
ATOM   168 C CG  . LEU A 1 19 ? 1.561   6.333   4.350  1.00 55.23  ? 16  LEU A CG  1 
ATOM   169 C CD1 . LEU A 1 19 ? 1.454   7.794   3.997  1.00 55.73  ? 16  LEU A CD1 1 
ATOM   170 C CD2 . LEU A 1 19 ? 0.275   5.829   4.967  1.00 63.66  ? 16  LEU A CD2 1 
ATOM   171 N N   . LYS A 1 20 ? 4.978   4.812   2.851  1.00 59.70  ? 17  LYS A N   1 
ATOM   172 C CA  . LYS A 1 20 ? 6.337   4.708   3.369  1.00 55.95  ? 17  LYS A CA  1 
ATOM   173 C C   . LYS A 1 20 ? 7.307   5.613   2.575  1.00 56.42  ? 17  LYS A C   1 
ATOM   174 O O   . LYS A 1 20 ? 8.156   6.306   3.157  1.00 57.45  ? 17  LYS A O   1 
ATOM   175 C CB  . LYS A 1 20 ? 6.791   3.243   3.362  1.00 59.78  ? 17  LYS A CB  1 
ATOM   176 C CG  . LYS A 1 20 ? 8.057   2.939   4.182  1.00 89.79  ? 17  LYS A CG  1 
ATOM   177 C CD  . LYS A 1 20 ? 8.041   3.653   5.544  1.00 92.67  ? 17  LYS A CD  1 
ATOM   178 C CE  . LYS A 1 20 ? 8.833   2.914   6.627  1.00 64.53  ? 17  LYS A CE  1 
ATOM   179 N NZ  . LYS A 1 20 ? 10.281  2.708   6.302  1.00 87.83  ? 17  LYS A NZ  1 
ATOM   180 N N   . ALA A 1 21 ? 7.160   5.631   1.251  1.00 66.43  ? 18  ALA A N   1 
ATOM   181 C CA  . ALA A 1 21 ? 8.056   6.400   0.383  1.00 65.28  ? 18  ALA A CA  1 
ATOM   182 C C   . ALA A 1 21 ? 7.887   7.920   0.567  1.00 63.65  ? 18  ALA A C   1 
ATOM   183 O O   . ALA A 1 21 ? 8.860   8.679   0.549  1.00 56.64  ? 18  ALA A O   1 
ATOM   184 C CB  . ALA A 1 21 ? 7.844   5.997   -1.080 1.00 56.83  ? 18  ALA A CB  1 
ATOM   185 N N   . ALA A 1 22 ? 6.643   8.355   0.745  1.00 57.77  ? 19  ALA A N   1 
ATOM   186 C CA  . ALA A 1 22 ? 6.322   9.760   1.014  1.00 61.37  ? 19  ALA A CA  1 
ATOM   187 C C   . ALA A 1 22 ? 6.922   10.267  2.329  1.00 61.03  ? 19  ALA A C   1 
ATOM   188 O O   . ALA A 1 22 ? 7.431   11.381  2.411  1.00 63.99  ? 19  ALA A O   1 
ATOM   189 C CB  . ALA A 1 22 ? 4.800   9.955   1.026  1.00 62.74  ? 19  ALA A CB  1 
ATOM   190 N N   . VAL A 1 23 ? 6.831   9.458   3.374  1.00 58.00  ? 20  VAL A N   1 
ATOM   191 C CA  . VAL A 1 23 ? 7.411   9.830   4.657  1.00 52.09  ? 20  VAL A CA  1 
ATOM   192 C C   . VAL A 1 23 ? 8.943   9.950   4.548  1.00 58.95  ? 20  VAL A C   1 
ATOM   193 O O   . VAL A 1 23 ? 9.554   10.854  5.131  1.00 57.75  ? 20  VAL A O   1 
ATOM   194 C CB  . VAL A 1 23 ? 6.980   8.819   5.731  1.00 57.63  ? 20  VAL A CB  1 
ATOM   195 C CG1 . VAL A 1 23 ? 7.855   8.919   6.975  1.00 60.21  ? 20  VAL A CG1 1 
ATOM   196 C CG2 . VAL A 1 23 ? 5.518   9.045   6.065  1.00 50.88  ? 20  VAL A CG2 1 
ATOM   197 N N   . GLY A 1 24 ? 9.555   9.060   3.766  1.00 59.12  ? 21  GLY A N   1 
ATOM   198 C CA  . GLY A 1 24 ? 10.994  9.098   3.525  1.00 54.18  ? 21  GLY A CA  1 
ATOM   199 C C   . GLY A 1 24 ? 11.467  10.325  2.752  1.00 58.97  ? 21  GLY A C   1 
ATOM   200 O O   . GLY A 1 24 ? 12.670  10.586  2.656  1.00 62.82  ? 21  GLY A O   1 
ATOM   201 N N   . GLU A 1 25 ? 10.528  11.082  2.189  1.00 65.31  ? 22  GLU A N   1 
ATOM   202 C CA  . GLU A 1 25 ? 10.866  12.349  1.535  1.00 53.36  ? 22  GLU A CA  1 
ATOM   203 C C   . GLU A 1 25 ? 10.593  13.591  2.406  1.00 57.04  ? 22  GLU A C   1 
ATOM   204 O O   . GLU A 1 25 ? 10.831  14.719  1.975  1.00 57.40  ? 22  GLU A O   1 
ATOM   205 C CB  . GLU A 1 25 ? 10.153  12.465  0.180  1.00 64.46  ? 22  GLU A CB  1 
ATOM   206 C CG  . GLU A 1 25 ? 10.733  11.539  -0.885 1.00 64.59  ? 22  GLU A CG  1 
ATOM   207 C CD  . GLU A 1 25 ? 10.007  11.629  -2.215 1.00 80.77  ? 22  GLU A CD  1 
ATOM   208 O OE1 . GLU A 1 25 ? 8.782   11.893  -2.213 1.00 95.34  ? 22  GLU A OE1 1 
ATOM   209 O OE2 . GLU A 1 25 ? 10.663  11.432  -3.265 1.00 95.51  ? 22  GLU A OE2 1 
ATOM   210 N N   . LEU A 1 26 ? 10.103  13.387  3.629  1.00 70.07  ? 23  LEU A N   1 
ATOM   211 C CA  . LEU A 1 26 ? 9.816   14.499  4.541  1.00 70.35  ? 23  LEU A CA  1 
ATOM   212 C C   . LEU A 1 26 ? 11.093  15.121  5.091  1.00 61.17  ? 23  LEU A C   1 
ATOM   213 O O   . LEU A 1 26 ? 12.093  14.432  5.298  1.00 63.35  ? 23  LEU A O   1 
ATOM   214 C CB  . LEU A 1 26 ? 8.926   14.037  5.700  1.00 59.78  ? 23  LEU A CB  1 
ATOM   215 C CG  . LEU A 1 26 ? 7.471   13.777  5.315  1.00 55.79  ? 23  LEU A CG  1 
ATOM   216 C CD1 . LEU A 1 26 ? 6.708   13.175  6.483  1.00 54.17  ? 23  LEU A CD1 1 
ATOM   217 C CD2 . LEU A 1 26 ? 6.803   15.070  4.834  1.00 55.01  ? 23  LEU A CD2 1 
HETATM 218 O O   . HOH B 2 .  ? -4.717  -17.479 -5.753 0.50 45.14  ? 142 HOH A O   1 
HETATM 219 O O   . HOH B 2 .  ? -12.454 0.935   -0.402 1.00 46.50  ? 143 HOH A O   1 
HETATM 220 O O   . HOH B 2 .  ? -12.639 -7.642  -1.710 1.00 49.64  ? 144 HOH A O   1 
HETATM 221 O O   . HOH B 2 .  ? -9.388  -13.995 -3.359 1.00 56.68  ? 145 HOH A O   1 
HETATM 222 O O   . HOH B 2 .  ? 14.307  12.982  3.689  1.00 67.57  ? 146 HOH A O   1 
HETATM 223 O O   . HOH B 2 .  ? 4.286   8.121   -2.305 1.00 79.93  ? 147 HOH A O   1 
HETATM 224 O O   . HOH B 2 .  ? -11.470 -13.487 2.608  1.00 61.82  ? 148 HOH A O   1 
HETATM 225 O O   . HOH B 2 .  ? -5.327  6.707   -1.666 1.00 72.30  ? 149 HOH A O   1 
HETATM 226 O O   . HOH B 2 .  ? -8.256  -11.284 -6.142 1.00 63.35  ? 150 HOH A O   1 
HETATM 227 O O   . HOH B 2 .  ? 12.261  11.724  6.111  1.00 60.89  ? 151 HOH A O   1 
HETATM 228 O O   . HOH B 2 .  ? -3.188  1.178   -4.286 1.00 70.23  ? 152 HOH A O   1 
HETATM 229 O O   . HOH B 2 .  ? 11.486  7.578   6.839  1.00 62.48  ? 153 HOH A O   1 
HETATM 230 O O   . HOH B 2 .  ? 6.343   13.486  1.032  1.00 57.58  ? 154 HOH A O   1 
HETATM 231 O O   . HOH B 2 .  ? 9.778   5.993   5.645  1.00 72.48  ? 155 HOH A O   1 
HETATM 232 O O   . HOH B 2 .  ? -0.302  -13.463 -4.261 1.00 65.69  ? 156 HOH A O   1 
HETATM 233 O O   . HOH B 2 .  ? 8.437   1.845   -0.058 1.00 78.52  ? 157 HOH A O   1 
HETATM 234 O O   . HOH B 2 .  ? 0.365   -5.258  -5.633 1.00 72.19  ? 158 HOH A O   1 
HETATM 235 O O   . HOH B 2 .  ? -2.080  -0.648  -6.253 1.00 89.26  ? 159 HOH A O   1 
HETATM 236 O O   . HOH B 2 .  ? 7.124   -3.888  -0.020 0.50 78.66  ? 160 HOH A O   1 
HETATM 237 O O   . HOH B 2 .  ? -1.317  7.171   -2.209 1.00 88.38  ? 161 HOH A O   1 
HETATM 238 O O   . HOH B 2 .  ? 13.399  6.539   3.984  1.00 77.12  ? 162 HOH A O   1 
# 
